data_8WC9
#
_entry.id   8WC9
#
loop_
_entity.id
_entity.type
_entity.pdbx_description
1 polymer 'Engineered G-alpha-q subunit'
2 polymer 'Guanine nucleotide-binding protein G(I)/G(S)/G(T) subunit beta-1'
3 polymer 'Trace amine-associated receptor 1'
4 polymer scFv16
5 polymer 'Guanine nucleotide-binding protein G(I)/G(S)/G(O) subunit gamma-2'
6 non-polymer 2-(4-bromophenyl)ethanamine
#
loop_
_entity_poly.entity_id
_entity_poly.type
_entity_poly.pdbx_seq_one_letter_code
_entity_poly.pdbx_strand_id
1 'polypeptide(L)'
;MGCTLSAEDKAAVERSKMIEKQLQKDKQVYRRTLRLLLLGADNSGKSTIVKQMRIYHVNGYSEEECKQYKAVVYSNTIQS
IIAIIRAMGRLKIDFGDSARADDARQLFVLAGAAEEGFMTAELAGVIKRLWKDSGVQACFNRSREYQLNDSAAYYLNDLD
RIAQPNYIPTQQDVLRTRVKTSGIFETKFQVDKVNFHMFDVGAQRDERRKWIQCFNDVTAIIFVVDSSDYNRLQEALNDF
KSIWNNRWLRTISVILFLNKQDLLAEKVLAGKSKIEDYFPEFARYTTPEDATPEPGEDPRVTRAKYFIRKEFVDISTASG
DGRHICYPHFTCAVDTENARRIFNDCKDIILQMNLREYNLV
;
A
2 'polypeptide(L)'
;MGSLLQSELDQLRQEAEQLKNQIRDARKACADATLSQITNNIDPVGRIQMRTRRTLRGHLAKIYAMHWGTDSRLLVSASQ
DGKLIIWDSYTTNKVHAIPLRSSWVMTCAYAPSGNYVACGGLDNICSIYNLKTREGNVRVSRELAGHTGYLSCCRFLDDN
QIVTSSGDTTCALWDIETGQQTTTFTGHTGDVMSLSLAPDTRLFVSGACDASAKLWDVREGMCRQTFTGHESDINAICFF
PNGNAFATGSDDATCRLFDLRADQELMTYSHDNIICGITSVSFSKSGRLLLAGYDDFNCNVWDALKADRAGVLAGHDNRV
SCLGVTDDGMAVATGSWDSFLKIWN
;
B
3 'polypeptide(L)'
;MHLCHAITNISHRNSDWSREVQASLYSLMSLIILATLVGNLIVIISISHFKQLHTPTNWLLHSMAIVDFLLGCLIMPCSM
VRTVERCWYFGEILCKVHTSTDIMLSSASIFHLAFISIDRYCAVCDPLRYKAKINISTILVMILVSWSLPAVYAFGMIFL
ELNLKGVEELYRSQVSDLGGCSPFFSKVSGVLAFMTSFYIPGSVMLFVYYRIYFIAKGQARSINRTNVQVGLEGKSQAPQ
SKETKAAKTLGIMVGVFLVCWCPFFLCTVLDPFLGYVIPPSLNDALYWFGYLNSALNPMVYAFFYPWFRRALKMVLLGKI
FQKDSSRSKLFL
;
R
4 'polypeptide(L)'
;MLLVNQSHQGFNKEHTSKMVSAIVLYVLLAAAAHSAFAVQLVESGGGLVQPGGSRKLSCSASGFAFSSFGMHWVRQAPEK
GLEWVAYISSGSGTIYYADTVKGRFTISRDDPKNTLFLQMTSLRSEDTAMYYCVRSIYYYGSSPFDFWGQGTTLTVSAGG
GGSGGGGSGGGGSADIVMTQATSSVPVTPGESVSISCRSSKSLLHSNGNTYLYWFLQRPGQSPQLLIYRMSNLASGVPDR
FSGSGSGTAFTLTISRLEAEDVGVYYCMQHLEYPLTFGAGTKLEL
;
S
5 'polypeptide(L)' MASNNTASIAQARKLVEQLKMEANIDRIKVSKAAADLMAYCEAHAKEDPLLTPVPASENPFREKKFFCAIL Y
#
loop_
_chem_comp.id
_chem_comp.type
_chem_comp.name
_chem_comp.formula
VMT non-polymer 2-(4-bromophenyl)ethanamine 'C8 H10 Br N'
#
# COMPACT_ATOMS: atom_id res chain seq x y z
N GLU A 8 15.21 9.56 -22.17
CA GLU A 8 15.06 10.22 -20.88
C GLU A 8 13.74 9.87 -20.15
N ASP A 9 13.82 8.82 -19.34
CA ASP A 9 12.78 8.46 -18.37
C ASP A 9 13.13 8.98 -16.99
N LYS A 10 14.20 9.77 -16.89
CA LYS A 10 14.63 10.29 -15.59
C LYS A 10 13.56 11.19 -14.98
N ALA A 11 12.83 11.93 -15.81
CA ALA A 11 11.76 12.78 -15.29
C ALA A 11 10.61 11.93 -14.75
N ALA A 12 10.32 10.81 -15.39
CA ALA A 12 9.33 9.88 -14.85
C ALA A 12 9.76 9.34 -13.50
N VAL A 13 11.04 8.99 -13.37
CA VAL A 13 11.54 8.51 -12.08
C VAL A 13 11.44 9.59 -11.02
N GLU A 14 11.70 10.84 -11.38
CA GLU A 14 11.57 11.93 -10.43
C GLU A 14 10.13 12.09 -9.96
N ARG A 15 9.17 12.00 -10.88
CA ARG A 15 7.77 12.05 -10.49
C ARG A 15 7.40 10.94 -9.52
N SER A 16 7.86 9.72 -9.79
CA SER A 16 7.59 8.62 -8.88
C SER A 16 8.17 8.88 -7.50
N LYS A 17 9.38 9.42 -7.45
CA LYS A 17 10.02 9.67 -6.16
C LYS A 17 9.27 10.73 -5.36
N MET A 18 8.77 11.77 -6.03
CA MET A 18 7.99 12.77 -5.30
C MET A 18 6.70 12.17 -4.74
N ILE A 19 6.05 11.30 -5.53
CA ILE A 19 4.83 10.65 -5.02
C ILE A 19 5.15 9.84 -3.78
N GLU A 20 6.25 9.09 -3.80
CA GLU A 20 6.64 8.29 -2.64
C GLU A 20 6.95 9.19 -1.44
N LYS A 21 7.56 10.35 -1.68
CA LYS A 21 7.85 11.27 -0.59
C LYS A 21 6.56 11.70 0.11
N GLN A 22 5.52 12.00 -0.66
CA GLN A 22 4.25 12.36 -0.01
C GLN A 22 3.62 11.17 0.73
N LEU A 23 3.74 9.97 0.16
CA LEU A 23 3.19 8.80 0.82
C LEU A 23 3.82 8.56 2.19
N GLN A 24 5.09 8.92 2.35
CA GLN A 24 5.74 8.76 3.67
C GLN A 24 5.04 9.60 4.74
N LYS A 25 4.78 10.86 4.45
CA LYS A 25 4.08 11.72 5.40
C LYS A 25 2.69 11.16 5.71
N ASP A 26 2.00 10.69 4.68
CA ASP A 26 0.68 10.10 4.91
C ASP A 26 0.79 8.91 5.87
N LYS A 27 1.83 8.08 5.70
CA LYS A 27 1.99 6.93 6.59
C LYS A 27 2.22 7.37 8.03
N GLN A 28 3.04 8.40 8.24
CA GLN A 28 3.25 8.87 9.60
C GLN A 28 1.94 9.27 10.26
N VAL A 29 1.16 10.12 9.57
CA VAL A 29 -0.10 10.59 10.14
C VAL A 29 -1.05 9.43 10.39
N TYR A 30 -1.10 8.46 9.48
CA TYR A 30 -1.96 7.30 9.66
C TYR A 30 -1.55 6.48 10.87
N ARG A 31 -0.24 6.32 11.08
CA ARG A 31 0.23 5.43 12.14
C ARG A 31 0.06 6.05 13.52
N ARG A 32 -0.02 7.38 13.59
CA ARG A 32 -0.16 7.98 14.93
C ARG A 32 -1.60 8.02 15.45
N THR A 33 -2.59 7.54 14.71
CA THR A 33 -3.99 7.76 15.09
C THR A 33 -4.65 6.46 15.58
N LEU A 34 -5.84 6.61 16.17
CA LEU A 34 -6.61 5.51 16.75
C LEU A 34 -8.01 5.52 16.17
N ARG A 35 -8.54 4.33 15.86
CA ARG A 35 -9.86 4.18 15.28
C ARG A 35 -10.80 3.46 16.24
N LEU A 36 -12.09 3.73 16.12
CA LEU A 36 -13.09 3.18 17.01
C LEU A 36 -14.36 2.91 16.23
N LEU A 37 -15.04 1.81 16.53
CA LEU A 37 -16.32 1.50 15.90
C LEU A 37 -17.45 1.63 16.90
N LEU A 38 -18.57 2.20 16.45
CA LEU A 38 -19.76 2.38 17.29
C LEU A 38 -20.85 1.47 16.78
N LEU A 39 -21.49 0.73 17.68
CA LEU A 39 -22.48 -0.28 17.33
C LEU A 39 -23.73 -0.15 18.19
N GLY A 40 -24.24 1.06 18.32
CA GLY A 40 -25.46 1.27 19.09
C GLY A 40 -26.65 0.54 18.50
N ALA A 41 -27.68 0.40 19.33
CA ALA A 41 -28.90 -0.28 18.94
C ALA A 41 -29.85 0.70 18.27
N ASP A 42 -31.07 0.26 18.01
CA ASP A 42 -32.05 1.09 17.32
C ASP A 42 -32.49 2.27 18.20
N ASN A 43 -33.09 1.97 19.35
CA ASN A 43 -33.60 2.99 20.25
C ASN A 43 -32.60 3.44 21.30
N SER A 44 -31.43 2.81 21.38
CA SER A 44 -30.40 3.24 22.31
C SER A 44 -29.86 4.59 21.87
N GLY A 45 -29.86 5.55 22.79
CA GLY A 45 -29.58 6.92 22.41
C GLY A 45 -28.12 7.20 22.11
N LYS A 46 -27.57 6.57 21.08
CA LYS A 46 -26.18 6.86 20.71
C LYS A 46 -26.07 8.25 20.12
N SER A 47 -27.20 8.86 19.74
CA SER A 47 -27.20 10.23 19.25
C SER A 47 -26.76 11.17 20.37
N THR A 48 -27.05 10.79 21.61
CA THR A 48 -26.56 11.55 22.75
C THR A 48 -25.07 11.31 23.00
N ILE A 49 -24.62 10.06 22.90
CA ILE A 49 -23.22 9.75 23.16
C ILE A 49 -22.31 10.28 22.07
N VAL A 50 -22.83 10.54 20.87
CA VAL A 50 -22.04 11.14 19.80
C VAL A 50 -22.00 12.66 19.91
N LYS A 51 -22.71 13.24 20.88
CA LYS A 51 -22.62 14.67 21.14
C LYS A 51 -21.29 14.96 21.83
N GLN A 52 -20.18 14.84 21.09
CA GLN A 52 -18.85 14.96 21.65
C GLN A 52 -18.08 16.13 21.05
N MET A 53 -18.79 17.15 20.56
CA MET A 53 -18.11 18.35 20.08
C MET A 53 -17.36 19.04 21.21
N ARG A 54 -17.96 19.12 22.40
CA ARG A 54 -17.29 19.65 23.57
C ARG A 54 -16.34 18.57 24.06
N ILE A 55 -15.06 18.73 23.77
CA ILE A 55 -14.06 17.71 24.08
C ILE A 55 -13.48 17.93 25.47
N THR A 181 -29.07 9.48 2.61
CA THR A 181 -28.98 8.03 2.51
C THR A 181 -27.52 7.57 2.55
N SER A 182 -26.66 8.36 3.16
CA SER A 182 -25.23 8.10 3.18
C SER A 182 -24.92 6.93 4.11
N GLY A 183 -23.64 6.61 4.25
CA GLY A 183 -23.21 5.45 5.01
C GLY A 183 -22.42 5.79 6.25
N ILE A 184 -21.11 5.58 6.19
CA ILE A 184 -20.26 5.78 7.36
C ILE A 184 -20.26 7.26 7.73
N PHE A 185 -20.51 7.55 9.01
CA PHE A 185 -20.53 8.92 9.51
C PHE A 185 -19.29 9.17 10.37
N GLU A 186 -18.21 9.54 9.69
CA GLU A 186 -16.93 9.75 10.37
C GLU A 186 -16.98 11.00 11.23
N THR A 187 -16.43 10.90 12.45
CA THR A 187 -16.23 12.05 13.33
C THR A 187 -14.84 11.95 13.94
N LYS A 188 -14.35 13.08 14.46
CA LYS A 188 -13.03 13.13 15.05
C LYS A 188 -13.06 13.92 16.35
N PHE A 189 -12.31 13.44 17.34
CA PHE A 189 -12.18 14.11 18.62
C PHE A 189 -10.86 13.71 19.24
N GLN A 190 -10.22 14.66 19.93
CA GLN A 190 -8.94 14.40 20.58
C GLN A 190 -8.99 14.88 22.01
N VAL A 191 -8.34 14.13 22.90
CA VAL A 191 -8.22 14.51 24.30
C VAL A 191 -6.77 14.31 24.73
N ASP A 192 -6.17 15.37 25.29
CA ASP A 192 -4.78 15.38 25.73
C ASP A 192 -3.83 14.94 24.62
N LYS A 193 -3.97 15.60 23.48
CA LYS A 193 -3.05 15.48 22.35
C LYS A 193 -2.95 14.05 21.81
N VAL A 194 -4.05 13.31 21.82
CA VAL A 194 -4.13 11.99 21.19
C VAL A 194 -5.36 11.98 20.29
N ASN A 195 -5.17 11.55 19.04
CA ASN A 195 -6.20 11.68 18.01
C ASN A 195 -7.03 10.40 17.91
N PHE A 196 -8.34 10.55 18.04
CA PHE A 196 -9.29 9.44 17.92
C PHE A 196 -10.09 9.58 16.64
N HIS A 197 -10.86 8.54 16.33
CA HIS A 197 -11.58 8.46 15.05
C HIS A 197 -12.73 7.49 15.23
N MET A 198 -13.96 8.01 15.31
CA MET A 198 -15.13 7.19 15.55
C MET A 198 -15.95 7.08 14.28
N PHE A 199 -16.21 5.85 13.84
CA PHE A 199 -17.04 5.59 12.67
C PHE A 199 -18.40 5.05 13.12
N ASP A 200 -19.44 5.84 12.91
CA ASP A 200 -20.80 5.34 13.08
C ASP A 200 -21.13 4.50 11.85
N VAL A 201 -22.33 3.92 11.80
CA VAL A 201 -22.76 3.17 10.63
C VAL A 201 -24.12 3.70 10.19
N GLY A 202 -24.31 3.79 8.88
CA GLY A 202 -25.45 4.50 8.34
C GLY A 202 -26.60 3.61 7.94
N ALA A 203 -26.89 3.57 6.64
CA ALA A 203 -28.07 2.88 6.12
C ALA A 203 -27.76 1.49 5.59
N GLN A 204 -26.84 0.76 6.22
CA GLN A 204 -26.42 -0.54 5.72
C GLN A 204 -27.45 -1.62 6.05
N ARG A 205 -28.68 -1.39 5.60
CA ARG A 205 -29.78 -2.34 5.72
C ARG A 205 -29.90 -2.92 7.13
N ASP A 206 -29.89 -4.24 7.25
CA ASP A 206 -30.04 -4.88 8.56
C ASP A 206 -28.96 -5.91 8.86
N GLU A 207 -28.50 -6.64 7.85
CA GLU A 207 -27.48 -7.67 8.08
C GLU A 207 -26.09 -7.05 8.14
N ARG A 208 -25.29 -7.53 9.10
CA ARG A 208 -23.92 -7.06 9.27
C ARG A 208 -22.91 -8.19 9.06
N ARG A 209 -23.34 -9.27 8.41
CA ARG A 209 -22.45 -10.43 8.24
C ARG A 209 -21.25 -10.09 7.38
N LYS A 210 -21.44 -9.33 6.31
CA LYS A 210 -20.40 -9.13 5.30
C LYS A 210 -19.56 -7.88 5.50
N TRP A 211 -20.16 -6.76 5.89
CA TRP A 211 -19.38 -5.54 6.03
C TRP A 211 -18.69 -5.42 7.38
N ILE A 212 -18.86 -6.41 8.26
CA ILE A 212 -18.11 -6.42 9.53
C ILE A 212 -16.70 -6.93 9.35
N GLN A 213 -16.35 -7.44 8.16
CA GLN A 213 -14.98 -7.86 7.91
C GLN A 213 -14.01 -6.71 7.79
N CYS A 214 -14.48 -5.53 7.36
CA CYS A 214 -13.61 -4.39 7.15
C CYS A 214 -13.07 -3.81 8.44
N PHE A 215 -13.63 -4.19 9.59
CA PHE A 215 -13.28 -3.61 10.88
C PHE A 215 -12.55 -4.61 11.75
N ASN A 216 -11.62 -5.34 11.13
CA ASN A 216 -10.83 -6.36 11.79
C ASN A 216 -9.64 -5.76 12.54
N ASP A 217 -9.38 -4.46 12.37
CA ASP A 217 -8.18 -3.84 12.90
C ASP A 217 -8.43 -2.71 13.89
N VAL A 218 -9.70 -2.38 14.19
CA VAL A 218 -9.96 -1.23 15.06
C VAL A 218 -9.46 -1.51 16.47
N THR A 219 -9.31 -0.45 17.25
CA THR A 219 -8.83 -0.59 18.62
C THR A 219 -9.91 -1.12 19.55
N ALA A 220 -11.16 -0.69 19.38
CA ALA A 220 -12.21 -1.07 20.29
C ALA A 220 -13.57 -0.98 19.60
N ILE A 221 -14.56 -1.62 20.23
CA ILE A 221 -15.97 -1.55 19.83
C ILE A 221 -16.71 -0.86 20.96
N ILE A 222 -17.62 0.05 20.62
CA ILE A 222 -18.34 0.83 21.63
C ILE A 222 -19.84 0.53 21.49
N PHE A 223 -20.34 -0.39 22.30
CA PHE A 223 -21.78 -0.57 22.42
C PHE A 223 -22.46 0.62 23.09
N VAL A 224 -23.74 0.77 22.77
CA VAL A 224 -24.68 1.56 23.57
C VAL A 224 -25.96 0.75 23.67
N VAL A 225 -26.44 0.54 24.90
CA VAL A 225 -27.67 -0.21 25.13
C VAL A 225 -28.59 0.62 26.01
N ASP A 226 -29.84 0.19 26.07
CA ASP A 226 -30.87 0.86 26.86
C ASP A 226 -31.23 0.00 28.06
N SER A 227 -31.24 0.60 29.25
CA SER A 227 -31.56 -0.11 30.47
C SER A 227 -32.95 0.24 30.98
N ASN A 231 -40.10 -6.14 26.26
CA ASN A 231 -38.77 -6.36 26.80
C ASN A 231 -37.69 -5.98 25.80
N ARG A 232 -37.16 -4.76 25.93
CA ARG A 232 -36.10 -4.30 25.05
C ARG A 232 -34.71 -4.59 25.62
N LEU A 233 -34.51 -5.82 26.10
CA LEU A 233 -33.20 -6.21 26.59
C LEU A 233 -32.76 -7.55 26.03
N GLN A 234 -33.71 -8.45 25.78
CA GLN A 234 -33.34 -9.77 25.27
C GLN A 234 -32.68 -9.68 23.91
N GLU A 235 -33.24 -8.88 23.00
CA GLU A 235 -32.60 -8.70 21.71
C GLU A 235 -31.24 -8.02 21.86
N ALA A 236 -31.09 -7.14 22.84
CA ALA A 236 -29.79 -6.54 23.11
C ALA A 236 -28.77 -7.60 23.53
N LEU A 237 -29.17 -8.52 24.40
CA LEU A 237 -28.27 -9.60 24.80
C LEU A 237 -27.90 -10.47 23.61
N ASN A 238 -28.88 -10.77 22.76
CA ASN A 238 -28.61 -11.60 21.59
C ASN A 238 -27.63 -10.90 20.64
N ASP A 239 -27.83 -9.61 20.42
CA ASP A 239 -26.91 -8.86 19.57
C ASP A 239 -25.51 -8.83 20.17
N PHE A 240 -25.42 -8.66 21.49
CA PHE A 240 -24.12 -8.65 22.15
C PHE A 240 -23.41 -9.98 21.97
N LYS A 241 -24.11 -11.09 22.17
CA LYS A 241 -23.42 -12.37 22.07
C LYS A 241 -23.11 -12.72 20.62
N SER A 242 -23.89 -12.19 19.67
CA SER A 242 -23.56 -12.39 18.26
C SER A 242 -22.31 -11.63 17.87
N ILE A 243 -22.18 -10.38 18.34
CA ILE A 243 -20.97 -9.62 18.04
C ILE A 243 -19.76 -10.19 18.78
N TRP A 244 -19.96 -10.75 19.97
CA TRP A 244 -18.93 -11.57 20.57
C TRP A 244 -18.74 -12.85 19.77
N ASN A 245 -17.60 -13.49 19.99
CA ASN A 245 -17.25 -14.78 19.39
C ASN A 245 -17.61 -14.84 17.90
N ASN A 246 -17.09 -13.87 17.16
CA ASN A 246 -17.09 -13.93 15.71
C ASN A 246 -15.79 -14.57 15.25
N ARG A 247 -15.52 -14.50 13.95
CA ARG A 247 -14.23 -14.93 13.44
C ARG A 247 -13.34 -13.79 13.01
N TRP A 248 -13.88 -12.58 12.88
CA TRP A 248 -13.08 -11.39 12.57
C TRP A 248 -13.01 -10.43 13.74
N LEU A 249 -13.74 -10.68 14.81
CA LEU A 249 -13.71 -9.83 16.00
C LEU A 249 -13.22 -10.62 17.20
N ARG A 250 -12.32 -11.57 16.97
CA ARG A 250 -11.82 -12.46 18.01
C ARG A 250 -10.93 -11.74 19.00
N THR A 251 -10.16 -10.74 18.56
CA THR A 251 -9.13 -10.13 19.38
C THR A 251 -9.41 -8.65 19.64
N ILE A 252 -10.68 -8.27 19.69
CA ILE A 252 -11.08 -6.87 19.87
C ILE A 252 -11.93 -6.75 21.12
N SER A 253 -11.59 -5.80 21.97
CA SER A 253 -12.26 -5.61 23.25
C SER A 253 -13.44 -4.68 23.08
N VAL A 254 -14.41 -4.78 23.99
CA VAL A 254 -15.68 -4.06 23.89
C VAL A 254 -15.77 -3.07 25.04
N ILE A 255 -16.04 -1.82 24.73
CA ILE A 255 -16.27 -0.78 25.73
C ILE A 255 -17.79 -0.59 25.83
N LEU A 256 -18.43 -1.36 26.70
CA LEU A 256 -19.87 -1.38 26.77
C LEU A 256 -20.38 -0.20 27.60
N PHE A 257 -21.44 0.44 27.11
CA PHE A 257 -22.05 1.57 27.79
C PHE A 257 -23.49 1.23 28.16
N LEU A 258 -23.91 1.68 29.35
CA LEU A 258 -25.29 1.55 29.79
C LEU A 258 -25.89 2.94 29.76
N ASN A 259 -26.69 3.23 28.74
CA ASN A 259 -27.22 4.57 28.53
C ASN A 259 -28.55 4.76 29.24
N LYS A 260 -28.85 6.01 29.56
CA LYS A 260 -30.10 6.40 30.20
C LYS A 260 -30.31 5.63 31.52
N GLN A 261 -29.45 5.92 32.49
CA GLN A 261 -29.62 5.32 33.81
C GLN A 261 -30.51 6.16 34.70
N ASP A 262 -31.68 6.54 34.19
CA ASP A 262 -32.72 7.13 35.02
C ASP A 262 -34.02 6.40 34.76
N LEU A 263 -34.14 5.79 33.57
CA LEU A 263 -35.29 4.95 33.27
C LEU A 263 -35.40 3.81 34.29
N LEU A 264 -34.28 3.13 34.55
CA LEU A 264 -34.30 2.03 35.50
C LEU A 264 -34.67 2.51 36.90
N ALA A 265 -34.11 3.65 37.32
CA ALA A 265 -34.40 4.18 38.65
C ALA A 265 -35.88 4.53 38.78
N GLU A 266 -36.45 5.19 37.78
CA GLU A 266 -37.86 5.57 37.85
C GLU A 266 -38.76 4.35 37.82
N LYS A 267 -38.43 3.35 36.99
CA LYS A 267 -39.23 2.13 36.98
C LYS A 267 -39.19 1.41 38.32
N VAL A 268 -38.02 1.35 38.95
CA VAL A 268 -37.93 0.70 40.25
C VAL A 268 -38.70 1.48 41.30
N LEU A 269 -38.56 2.81 41.31
CA LEU A 269 -39.23 3.63 42.31
C LEU A 269 -40.75 3.55 42.17
N ALA A 270 -41.25 3.57 40.94
CA ALA A 270 -42.69 3.52 40.72
C ALA A 270 -43.24 2.10 40.72
N LYS A 272 -42.92 -0.20 38.48
CA LYS A 272 -43.30 -0.67 37.15
C LYS A 272 -42.34 -1.69 36.57
N SER A 273 -41.20 -1.93 37.23
CA SER A 273 -40.17 -2.82 36.71
C SER A 273 -40.43 -4.23 37.22
N LYS A 274 -41.21 -5.00 36.46
CA LYS A 274 -41.48 -6.40 36.79
C LYS A 274 -40.44 -7.28 36.11
N ILE A 275 -39.20 -7.18 36.60
CA ILE A 275 -38.09 -7.91 36.00
C ILE A 275 -38.31 -9.41 36.11
N GLU A 276 -38.89 -9.86 37.23
CA GLU A 276 -39.09 -11.29 37.45
C GLU A 276 -40.03 -11.91 36.42
N ASP A 277 -40.84 -11.09 35.75
CA ASP A 277 -41.76 -11.62 34.74
C ASP A 277 -40.99 -12.28 33.60
N TYR A 278 -39.99 -11.56 33.06
CA TYR A 278 -39.18 -12.06 31.97
C TYR A 278 -37.77 -12.44 32.40
N PHE A 279 -37.40 -12.21 33.65
CA PHE A 279 -36.12 -12.64 34.21
C PHE A 279 -36.42 -13.33 35.54
N PRO A 280 -36.83 -14.60 35.50
CA PRO A 280 -37.28 -15.26 36.74
C PRO A 280 -36.23 -15.31 37.84
N GLU A 281 -34.96 -15.46 37.50
CA GLU A 281 -33.91 -15.57 38.50
C GLU A 281 -33.58 -14.25 39.16
N PHE A 282 -34.34 -13.19 38.89
CA PHE A 282 -34.16 -11.93 39.62
C PHE A 282 -34.52 -12.10 41.09
N ALA A 283 -35.57 -12.85 41.39
CA ALA A 283 -36.01 -13.02 42.78
C ALA A 283 -34.93 -13.69 43.62
N ARG A 284 -34.31 -14.74 43.09
CA ARG A 284 -33.25 -15.45 43.80
C ARG A 284 -31.88 -14.87 43.47
N TYR A 285 -31.73 -13.56 43.60
CA TYR A 285 -30.47 -12.90 43.30
C TYR A 285 -30.11 -11.91 44.40
N THR A 286 -28.81 -11.79 44.65
CA THR A 286 -28.26 -10.79 45.56
C THR A 286 -26.78 -10.67 45.25
N THR A 287 -26.14 -9.68 45.87
CA THR A 287 -24.71 -9.49 45.67
C THR A 287 -23.97 -10.73 46.14
N ASP A 290 -19.76 -9.08 48.07
CA ASP A 290 -19.86 -7.67 48.43
C ASP A 290 -19.45 -6.86 47.22
N ALA A 291 -19.83 -5.58 47.23
CA ALA A 291 -19.52 -4.67 46.14
C ALA A 291 -19.34 -3.28 46.70
N THR A 292 -19.28 -2.29 45.80
CA THR A 292 -19.08 -0.88 46.17
C THR A 292 -20.19 -0.05 45.53
N PRO A 293 -21.39 -0.08 46.11
CA PRO A 293 -22.49 0.69 45.54
C PRO A 293 -22.27 2.19 45.69
N GLU A 294 -23.20 2.95 45.13
CA GLU A 294 -23.16 4.40 45.20
C GLU A 294 -24.14 4.88 46.27
N PRO A 295 -23.74 5.81 47.13
CA PRO A 295 -24.63 6.24 48.23
C PRO A 295 -25.86 6.97 47.70
N GLY A 296 -26.83 7.12 48.59
CA GLY A 296 -28.09 7.76 48.24
C GLY A 296 -28.95 6.95 47.28
N GLU A 297 -29.01 5.64 47.47
CA GLU A 297 -29.86 4.77 46.67
C GLU A 297 -30.40 3.64 47.54
N ASP A 298 -31.58 3.15 47.18
CA ASP A 298 -32.12 1.97 47.81
C ASP A 298 -31.44 0.72 47.26
N PRO A 299 -31.45 -0.38 48.02
CA PRO A 299 -30.84 -1.62 47.51
C PRO A 299 -31.50 -2.16 46.26
N ARG A 300 -32.76 -1.79 45.98
CA ARG A 300 -33.45 -2.33 44.82
C ARG A 300 -32.82 -1.85 43.52
N VAL A 301 -32.54 -0.55 43.42
CA VAL A 301 -31.96 -0.01 42.19
C VAL A 301 -30.58 -0.62 41.94
N THR A 302 -29.77 -0.73 42.99
CA THR A 302 -28.46 -1.36 42.84
C THR A 302 -28.59 -2.82 42.47
N ARG A 303 -29.56 -3.53 43.06
CA ARG A 303 -29.79 -4.93 42.69
C ARG A 303 -30.08 -5.04 41.21
N ALA A 304 -30.94 -4.15 40.70
CA ALA A 304 -31.25 -4.16 39.27
C ALA A 304 -30.01 -3.84 38.43
N LYS A 305 -29.23 -2.83 38.84
CA LYS A 305 -28.08 -2.39 38.06
C LYS A 305 -27.07 -3.50 37.92
N TYR A 306 -26.63 -4.07 39.04
CA TYR A 306 -25.69 -5.19 38.92
C TYR A 306 -26.33 -6.48 38.43
N PHE A 307 -27.66 -6.60 38.47
CA PHE A 307 -28.29 -7.72 37.78
C PHE A 307 -28.04 -7.63 36.28
N ILE A 308 -28.31 -6.46 35.70
CA ILE A 308 -28.05 -6.26 34.27
C ILE A 308 -26.57 -6.38 33.98
N ARG A 309 -25.73 -5.77 34.82
CA ARG A 309 -24.29 -5.82 34.60
C ARG A 309 -23.78 -7.26 34.60
N LYS A 310 -24.28 -8.08 35.54
CA LYS A 310 -23.91 -9.50 35.53
C LYS A 310 -24.44 -10.21 34.30
N GLU A 311 -25.65 -9.86 33.86
CA GLU A 311 -26.19 -10.48 32.65
C GLU A 311 -25.33 -10.20 31.44
N PHE A 312 -24.57 -9.10 31.47
CA PHE A 312 -23.61 -8.86 30.38
C PHE A 312 -22.23 -9.48 30.66
N VAL A 313 -21.76 -9.41 31.90
CA VAL A 313 -20.42 -9.87 32.23
C VAL A 313 -20.32 -11.39 32.09
N ASP A 314 -21.39 -12.12 32.41
CA ASP A 314 -21.34 -13.57 32.26
C ASP A 314 -21.17 -13.95 30.78
N ILE A 315 -21.89 -13.24 29.89
CA ILE A 315 -21.71 -13.46 28.46
C ILE A 315 -20.27 -13.17 28.06
N SER A 316 -19.72 -12.08 28.58
CA SER A 316 -18.33 -11.74 28.25
C SER A 316 -17.37 -12.82 28.72
N THR A 317 -17.56 -13.34 29.93
CA THR A 317 -16.59 -14.27 30.51
C THR A 317 -16.75 -15.68 29.97
N ALA A 318 -17.91 -16.02 29.40
CA ALA A 318 -18.10 -17.36 28.87
C ALA A 318 -17.36 -17.54 27.55
N SER A 319 -16.04 -17.44 27.58
CA SER A 319 -15.24 -17.61 26.36
C SER A 319 -14.11 -18.63 26.53
N GLY A 322 -9.71 -15.58 27.00
CA GLY A 322 -9.12 -14.37 27.55
C GLY A 322 -8.26 -13.58 26.59
N ARG A 323 -8.63 -13.52 25.31
CA ARG A 323 -7.93 -12.65 24.37
C ARG A 323 -8.45 -11.22 24.41
N HIS A 324 -9.61 -10.99 25.02
CA HIS A 324 -10.18 -9.66 25.12
C HIS A 324 -11.07 -9.59 26.34
N ILE A 325 -11.44 -8.37 26.72
CA ILE A 325 -12.18 -8.13 27.97
C ILE A 325 -13.24 -7.08 27.73
N CYS A 326 -14.34 -7.17 28.48
CA CYS A 326 -15.41 -6.19 28.45
C CYS A 326 -15.23 -5.14 29.55
N TYR A 327 -15.70 -3.93 29.28
CA TYR A 327 -15.55 -2.80 30.20
C TYR A 327 -16.91 -2.15 30.44
N PRO A 328 -17.69 -2.66 31.40
CA PRO A 328 -19.03 -2.10 31.63
C PRO A 328 -18.96 -0.78 32.38
N HIS A 329 -19.74 0.20 31.90
CA HIS A 329 -19.86 1.50 32.55
C HIS A 329 -21.33 1.88 32.67
N PHE A 330 -21.69 2.52 33.79
CA PHE A 330 -23.03 3.09 33.94
C PHE A 330 -22.96 4.58 33.66
N THR A 331 -23.57 5.01 32.55
CA THR A 331 -23.46 6.41 32.14
C THR A 331 -24.85 6.95 31.88
N CYS A 332 -24.90 8.23 31.51
CA CYS A 332 -26.15 8.93 31.23
C CYS A 332 -26.01 9.69 29.92
N ALA A 333 -27.14 10.13 29.38
CA ALA A 333 -27.14 10.78 28.08
C ALA A 333 -26.31 12.06 28.08
N VAL A 334 -26.46 12.88 29.11
CA VAL A 334 -25.73 14.13 29.22
C VAL A 334 -24.68 13.92 30.32
N ASP A 335 -23.49 13.52 29.90
CA ASP A 335 -22.40 13.26 30.83
C ASP A 335 -21.18 14.07 30.45
N THR A 336 -20.08 13.89 31.19
CA THR A 336 -18.89 14.70 30.99
C THR A 336 -17.66 13.80 30.85
N GLU A 337 -17.71 12.62 31.45
CA GLU A 337 -16.57 11.73 31.57
C GLU A 337 -16.49 10.70 30.46
N ASN A 338 -17.32 10.80 29.42
CA ASN A 338 -17.36 9.75 28.40
C ASN A 338 -16.03 9.64 27.67
N ALA A 339 -15.49 10.78 27.22
CA ALA A 339 -14.20 10.77 26.54
C ALA A 339 -13.10 10.27 27.46
N ARG A 340 -13.17 10.63 28.74
CA ARG A 340 -12.18 10.17 29.71
C ARG A 340 -12.23 8.65 29.85
N ARG A 341 -13.44 8.09 29.92
CA ARG A 341 -13.59 6.64 30.03
C ARG A 341 -13.01 5.94 28.80
N ILE A 342 -13.30 6.47 27.62
CA ILE A 342 -12.77 5.87 26.39
C ILE A 342 -11.24 5.95 26.38
N PHE A 343 -10.70 7.09 26.82
CA PHE A 343 -9.25 7.27 26.88
C PHE A 343 -8.61 6.23 27.79
N ASN A 344 -9.11 6.11 29.02
CA ASN A 344 -8.52 5.18 29.96
C ASN A 344 -8.64 3.74 29.48
N ASP A 345 -9.78 3.40 28.87
CA ASP A 345 -9.97 2.04 28.38
C ASP A 345 -8.99 1.71 27.25
N CYS A 346 -8.84 2.62 26.28
CA CYS A 346 -7.88 2.36 25.20
C CYS A 346 -6.45 2.29 25.71
N LYS A 347 -6.11 3.15 26.68
CA LYS A 347 -4.79 3.10 27.28
C LYS A 347 -4.53 1.73 27.88
N ASP A 348 -5.49 1.20 28.64
CA ASP A 348 -5.33 -0.12 29.23
C ASP A 348 -5.21 -1.19 28.15
N ILE A 349 -6.01 -1.08 27.08
CA ILE A 349 -5.99 -2.09 26.03
C ILE A 349 -4.60 -2.19 25.41
N ILE A 350 -4.04 -1.06 24.98
CA ILE A 350 -2.76 -1.13 24.29
C ILE A 350 -1.62 -1.37 25.27
N LEU A 351 -1.79 -1.00 26.54
CA LEU A 351 -0.80 -1.39 27.54
C LEU A 351 -0.74 -2.91 27.69
N GLN A 352 -1.90 -3.56 27.74
CA GLN A 352 -1.91 -5.02 27.77
C GLN A 352 -1.29 -5.58 26.50
N MET A 353 -1.55 -4.95 25.36
CA MET A 353 -0.96 -5.42 24.11
C MET A 353 0.57 -5.37 24.17
N ASN A 354 1.12 -4.25 24.64
CA ASN A 354 2.58 -4.12 24.73
C ASN A 354 3.16 -5.10 25.73
N LEU A 355 2.50 -5.30 26.88
CA LEU A 355 2.99 -6.29 27.84
C LEU A 355 3.00 -7.69 27.23
N ARG A 356 1.97 -8.01 26.44
CA ARG A 356 1.97 -9.28 25.73
C ARG A 356 3.13 -9.36 24.75
N GLU A 357 3.47 -8.24 24.12
CA GLU A 357 4.50 -8.25 23.07
C GLU A 357 5.86 -8.66 23.64
N TYR A 358 6.24 -8.13 24.80
CA TYR A 358 7.53 -8.41 25.40
C TYR A 358 7.42 -9.45 26.51
N ASN A 359 6.39 -10.28 26.48
CA ASN A 359 6.09 -11.32 27.47
C ASN A 359 6.47 -10.89 28.89
N LEU A 360 5.90 -9.77 29.32
CA LEU A 360 5.90 -9.37 30.72
C LEU A 360 4.75 -10.01 31.48
N VAL A 361 3.90 -10.76 30.80
CA VAL A 361 2.75 -11.41 31.44
C VAL A 361 2.51 -12.77 30.81
N GLU B 8 -55.87 -18.84 -0.28
CA GLU B 8 -55.77 -18.64 -1.71
C GLU B 8 -54.31 -18.47 -2.14
N LEU B 9 -53.47 -18.05 -1.20
CA LEU B 9 -52.05 -17.84 -1.47
C LEU B 9 -51.38 -19.16 -1.86
N ASP B 10 -51.78 -20.24 -1.18
CA ASP B 10 -51.27 -21.59 -1.41
C ASP B 10 -51.59 -22.06 -2.82
N GLN B 11 -52.79 -21.71 -3.30
CA GLN B 11 -53.20 -22.07 -4.64
C GLN B 11 -52.13 -21.57 -5.61
N LEU B 12 -51.88 -20.27 -5.55
CA LEU B 12 -50.86 -19.62 -6.37
C LEU B 12 -49.50 -20.18 -6.07
N ARG B 13 -49.22 -20.39 -4.79
CA ARG B 13 -47.92 -20.93 -4.39
C ARG B 13 -47.72 -22.32 -4.97
N GLN B 14 -48.78 -23.13 -4.93
CA GLN B 14 -48.73 -24.48 -5.43
C GLN B 14 -48.44 -24.47 -6.91
N GLU B 15 -49.09 -23.56 -7.63
CA GLU B 15 -48.86 -23.49 -9.06
C GLU B 15 -47.42 -23.10 -9.34
N ALA B 16 -46.87 -22.17 -8.56
CA ALA B 16 -45.48 -21.73 -8.73
C ALA B 16 -44.50 -22.88 -8.50
N GLU B 17 -44.66 -23.57 -7.38
CA GLU B 17 -43.79 -24.70 -7.11
C GLU B 17 -44.00 -25.70 -8.22
N GLN B 18 -45.20 -25.72 -8.79
CA GLN B 18 -45.50 -26.65 -9.86
C GLN B 18 -44.59 -26.37 -11.05
N LEU B 19 -44.44 -25.10 -11.37
CA LEU B 19 -43.57 -24.69 -12.46
C LEU B 19 -42.13 -25.02 -12.15
N LYS B 20 -41.72 -24.73 -10.92
CA LYS B 20 -40.34 -24.98 -10.53
C LYS B 20 -40.03 -26.45 -10.62
N ASN B 21 -41.06 -27.28 -10.62
CA ASN B 21 -40.88 -28.70 -10.75
C ASN B 21 -40.60 -29.05 -12.20
N GLN B 22 -41.33 -28.42 -13.12
CA GLN B 22 -41.14 -28.70 -14.54
C GLN B 22 -39.77 -28.30 -15.05
N ILE B 23 -39.29 -27.14 -14.61
CA ILE B 23 -37.99 -26.63 -15.05
C ILE B 23 -36.84 -27.55 -14.72
N ARG B 24 -36.84 -28.04 -13.50
CA ARG B 24 -35.72 -28.88 -13.03
C ARG B 24 -35.71 -30.22 -13.76
N ASP B 25 -36.86 -30.85 -13.94
CA ASP B 25 -36.92 -32.13 -14.62
C ASP B 25 -36.51 -32.01 -16.09
N ALA B 26 -36.99 -30.95 -16.77
CA ALA B 26 -36.63 -30.76 -18.16
C ALA B 26 -35.13 -30.51 -18.31
N ARG B 27 -34.54 -29.73 -17.40
CA ARG B 27 -33.10 -29.51 -17.46
C ARG B 27 -32.33 -30.81 -17.18
N LYS B 28 -32.79 -31.59 -16.20
CA LYS B 28 -32.08 -32.80 -15.83
C LYS B 28 -32.15 -33.85 -16.93
N ALA B 29 -33.25 -33.90 -17.68
CA ALA B 29 -33.36 -34.87 -18.76
C ALA B 29 -32.67 -34.36 -20.01
N CYS B 30 -31.43 -33.90 -19.87
CA CYS B 30 -30.62 -33.49 -21.01
C CYS B 30 -29.17 -33.95 -20.95
N ALA B 31 -28.65 -34.34 -19.79
CA ALA B 31 -27.23 -34.66 -19.62
C ALA B 31 -26.94 -36.02 -20.23
N ASP B 32 -26.41 -36.02 -21.46
CA ASP B 32 -25.99 -37.27 -22.08
C ASP B 32 -24.71 -37.80 -21.44
N ALA B 33 -23.74 -36.91 -21.21
CA ALA B 33 -22.47 -37.30 -20.62
C ALA B 33 -21.85 -36.08 -19.95
N THR B 34 -20.93 -36.31 -19.01
CA THR B 34 -20.31 -35.21 -18.29
C THR B 34 -19.19 -34.52 -19.04
N LEU B 35 -18.80 -33.33 -18.57
CA LEU B 35 -17.75 -32.55 -19.22
C LEU B 35 -16.41 -33.26 -19.06
N SER B 36 -16.26 -33.97 -17.94
CA SER B 36 -15.04 -34.71 -17.67
C SER B 36 -14.77 -35.84 -18.66
N GLN B 37 -15.80 -36.58 -19.01
CA GLN B 37 -15.67 -37.71 -19.93
C GLN B 37 -15.22 -37.28 -21.31
N ILE B 38 -15.77 -36.17 -21.78
CA ILE B 38 -15.46 -35.68 -23.09
C ILE B 38 -14.02 -35.22 -23.26
N THR B 39 -13.31 -35.03 -22.17
CA THR B 39 -11.93 -34.57 -22.22
C THR B 39 -10.91 -35.66 -21.91
N ASN B 40 -11.36 -36.89 -21.83
CA ASN B 40 -10.46 -37.97 -21.46
C ASN B 40 -9.30 -38.17 -22.44
N ASN B 41 -9.59 -38.03 -23.72
CA ASN B 41 -8.61 -38.22 -24.78
C ASN B 41 -7.37 -37.30 -24.72
N ILE B 42 -7.59 -36.03 -24.39
CA ILE B 42 -6.55 -35.01 -24.38
C ILE B 42 -5.42 -35.19 -23.35
N ASP B 43 -4.21 -34.78 -23.74
CA ASP B 43 -3.02 -34.77 -22.90
C ASP B 43 -3.11 -33.61 -21.93
N PRO B 44 -2.60 -33.80 -20.71
CA PRO B 44 -2.72 -32.71 -19.75
C PRO B 44 -1.72 -31.60 -20.04
N VAL B 45 -1.99 -30.44 -19.43
CA VAL B 45 -1.06 -29.31 -19.53
C VAL B 45 0.26 -29.64 -18.85
N GLY B 46 0.22 -30.38 -17.75
CA GLY B 46 1.43 -30.76 -17.06
C GLY B 46 1.68 -29.89 -15.85
N ARG B 47 2.91 -29.40 -15.72
CA ARG B 47 3.32 -28.56 -14.61
C ARG B 47 3.66 -27.18 -15.12
N ILE B 48 3.13 -26.16 -14.47
CA ILE B 48 3.34 -24.77 -14.85
C ILE B 48 4.11 -24.08 -13.73
N GLN B 49 5.26 -23.50 -14.06
CA GLN B 49 6.08 -22.79 -13.11
C GLN B 49 6.03 -21.30 -13.44
N MET B 50 5.60 -20.49 -12.49
CA MET B 50 5.49 -19.06 -12.66
C MET B 50 6.41 -18.38 -11.65
N ARG B 51 7.20 -17.42 -12.13
CA ARG B 51 8.17 -16.73 -11.30
C ARG B 51 7.79 -15.27 -11.17
N THR B 52 7.77 -14.77 -9.93
CA THR B 52 7.47 -13.36 -9.71
C THR B 52 8.53 -12.50 -10.38
N ARG B 53 8.08 -11.44 -11.05
CA ARG B 53 8.97 -10.55 -11.79
C ARG B 53 9.08 -9.16 -11.18
N ARG B 54 7.98 -8.60 -10.70
CA ARG B 54 7.98 -7.30 -10.06
C ARG B 54 7.37 -7.41 -8.68
N THR B 55 7.44 -6.31 -7.93
CA THR B 55 6.83 -6.25 -6.60
C THR B 55 6.45 -4.79 -6.36
N LEU B 56 5.16 -4.50 -6.40
CA LEU B 56 4.68 -3.13 -6.38
C LEU B 56 4.43 -2.70 -4.94
N ARG B 57 5.15 -1.68 -4.48
CA ARG B 57 5.13 -1.25 -3.10
C ARG B 57 4.70 0.20 -2.97
N GLY B 58 4.07 0.53 -1.85
CA GLY B 58 3.68 1.91 -1.59
C GLY B 58 2.39 2.06 -0.81
N HIS B 59 1.56 1.02 -0.79
CA HIS B 59 0.26 1.11 -0.15
C HIS B 59 0.41 1.08 1.36
N LEU B 60 -0.27 2.00 2.05
CA LEU B 60 -0.20 2.04 3.51
C LEU B 60 -0.83 0.81 4.14
N ALA B 61 -1.96 0.35 3.60
CA ALA B 61 -2.73 -0.68 4.27
C ALA B 61 -3.31 -1.71 3.30
N LYS B 62 -4.22 -2.52 3.81
CA LYS B 62 -4.76 -3.68 3.11
C LYS B 62 -5.44 -3.30 1.80
N ILE B 63 -5.25 -4.13 0.78
CA ILE B 63 -5.68 -3.86 -0.60
C ILE B 63 -6.97 -4.62 -0.89
N TYR B 64 -7.90 -3.97 -1.59
CA TYR B 64 -9.22 -4.52 -1.87
C TYR B 64 -9.51 -4.83 -3.33
N ALA B 65 -8.99 -4.06 -4.27
CA ALA B 65 -9.35 -4.28 -5.68
C ALA B 65 -8.24 -3.83 -6.60
N MET B 66 -8.29 -4.32 -7.84
CA MET B 66 -7.41 -3.87 -8.90
C MET B 66 -8.06 -4.17 -10.25
N HIS B 67 -7.56 -3.51 -11.29
CA HIS B 67 -8.09 -3.69 -12.63
C HIS B 67 -7.04 -3.29 -13.64
N TRP B 68 -6.74 -4.17 -14.60
CA TRP B 68 -5.79 -3.88 -15.66
C TRP B 68 -6.37 -2.87 -16.63
N GLY B 69 -5.49 -2.21 -17.38
CA GLY B 69 -5.91 -1.32 -18.45
C GLY B 69 -5.87 -2.02 -19.79
N THR B 70 -6.61 -1.47 -20.75
CA THR B 70 -6.61 -2.04 -22.09
C THR B 70 -5.23 -1.90 -22.75
N ASP B 71 -4.45 -0.91 -22.29
CA ASP B 71 -3.09 -0.70 -22.78
C ASP B 71 -2.17 -1.85 -22.45
N SER B 72 -2.58 -2.75 -21.56
CA SER B 72 -1.84 -3.93 -21.16
C SER B 72 -0.58 -3.60 -20.36
N ARG B 73 -0.45 -2.35 -19.91
CA ARG B 73 0.75 -1.93 -19.22
C ARG B 73 0.44 -1.28 -17.88
N LEU B 74 -0.69 -0.58 -17.79
CA LEU B 74 -1.07 0.15 -16.60
C LEU B 74 -2.10 -0.63 -15.78
N LEU B 75 -2.12 -0.38 -14.48
CA LEU B 75 -3.12 -0.96 -13.60
C LEU B 75 -3.40 0.02 -12.47
N VAL B 76 -4.53 -0.19 -11.80
CA VAL B 76 -4.99 0.66 -10.72
C VAL B 76 -5.32 -0.23 -9.52
N SER B 77 -5.16 0.30 -8.31
CA SER B 77 -5.45 -0.47 -7.10
C SER B 77 -5.98 0.45 -6.01
N ALA B 78 -6.79 -0.12 -5.11
CA ALA B 78 -7.44 0.63 -4.04
C ALA B 78 -7.18 -0.03 -2.70
N SER B 79 -7.25 0.77 -1.63
CA SER B 79 -6.87 0.32 -0.30
C SER B 79 -7.78 0.95 0.76
N GLN B 80 -7.72 0.37 1.97
CA GLN B 80 -8.46 0.93 3.10
C GLN B 80 -7.99 2.31 3.50
N ASP B 81 -6.76 2.69 3.16
CA ASP B 81 -6.30 4.04 3.44
C ASP B 81 -7.19 5.08 2.78
N GLY B 82 -7.71 4.77 1.60
CA GLY B 82 -8.41 5.77 0.81
C GLY B 82 -7.51 6.32 -0.27
N LYS B 83 -6.81 5.42 -0.97
CA LYS B 83 -5.87 5.80 -2.02
C LYS B 83 -6.14 4.98 -3.27
N LEU B 84 -6.06 5.64 -4.42
CA LEU B 84 -6.00 5.00 -5.72
C LEU B 84 -4.65 5.31 -6.32
N ILE B 85 -3.89 4.29 -6.68
CA ILE B 85 -2.57 4.45 -7.29
C ILE B 85 -2.57 3.76 -8.64
N ILE B 86 -2.10 4.45 -9.67
CA ILE B 86 -1.98 3.89 -11.01
C ILE B 86 -0.52 3.59 -11.28
N TRP B 87 -0.20 2.33 -11.53
CA TRP B 87 1.17 1.89 -11.69
C TRP B 87 1.54 1.77 -13.16
N ASP B 88 2.83 1.51 -13.39
CA ASP B 88 3.39 1.21 -14.70
C ASP B 88 4.10 -0.14 -14.55
N SER B 89 3.44 -1.20 -15.00
CA SER B 89 3.90 -2.54 -14.67
C SER B 89 5.22 -2.92 -15.32
N TYR B 90 5.72 -2.14 -16.27
CA TYR B 90 7.00 -2.48 -16.90
C TYR B 90 8.18 -1.94 -16.10
N THR B 91 8.13 -0.67 -15.70
CA THR B 91 9.24 -0.02 -15.01
C THR B 91 8.94 0.30 -13.55
N THR B 92 7.81 -0.17 -13.01
CA THR B 92 7.46 -0.10 -11.60
C THR B 92 7.21 1.33 -11.12
N ASN B 93 7.16 2.31 -12.01
CA ASN B 93 6.93 3.69 -11.60
C ASN B 93 5.49 3.89 -11.13
N LYS B 94 5.25 5.08 -10.58
CA LYS B 94 3.90 5.51 -10.20
C LYS B 94 3.49 6.65 -11.12
N VAL B 95 2.29 6.55 -11.68
CA VAL B 95 1.80 7.57 -12.59
C VAL B 95 0.93 8.58 -11.87
N HIS B 96 -0.03 8.11 -11.07
CA HIS B 96 -0.94 8.98 -10.34
C HIS B 96 -1.14 8.42 -8.94
N ALA B 97 -1.54 9.29 -8.01
CA ALA B 97 -1.93 8.88 -6.67
C ALA B 97 -3.11 9.74 -6.24
N ILE B 98 -4.29 9.14 -6.14
CA ILE B 98 -5.54 9.85 -5.96
C ILE B 98 -6.06 9.57 -4.56
N PRO B 99 -6.28 10.60 -3.73
CA PRO B 99 -6.89 10.38 -2.41
C PRO B 99 -8.40 10.54 -2.43
N LEU B 100 -9.08 9.66 -1.70
CA LEU B 100 -10.53 9.56 -1.73
C LEU B 100 -11.14 10.29 -0.54
N ARG B 101 -12.45 10.50 -0.62
CA ARG B 101 -13.18 11.13 0.48
C ARG B 101 -13.56 10.11 1.55
N SER B 102 -13.90 8.88 1.16
CA SER B 102 -14.28 7.83 2.10
C SER B 102 -13.20 6.75 2.11
N SER B 103 -12.82 6.32 3.32
CA SER B 103 -11.70 5.41 3.47
C SER B 103 -12.07 3.94 3.30
N TRP B 104 -13.35 3.59 3.30
CA TRP B 104 -13.76 2.18 3.17
C TRP B 104 -14.25 1.97 1.75
N VAL B 105 -13.31 1.60 0.86
CA VAL B 105 -13.60 1.41 -0.55
C VAL B 105 -13.36 -0.06 -0.91
N MET B 106 -14.26 -0.61 -1.71
CA MET B 106 -14.26 -2.02 -2.01
C MET B 106 -14.03 -2.34 -3.49
N THR B 107 -14.09 -1.36 -4.38
CA THR B 107 -14.05 -1.63 -5.81
C THR B 107 -13.27 -0.56 -6.55
N CYS B 108 -12.81 -0.93 -7.74
CA CYS B 108 -12.23 0.01 -8.69
C CYS B 108 -12.36 -0.59 -10.08
N ALA B 109 -12.42 0.28 -11.09
CA ALA B 109 -12.48 -0.15 -12.48
C ALA B 109 -11.76 0.88 -13.33
N TYR B 110 -11.22 0.44 -14.46
CA TYR B 110 -10.41 1.28 -15.31
C TYR B 110 -11.07 1.33 -16.68
N ALA B 111 -11.30 2.54 -17.19
CA ALA B 111 -12.17 2.72 -18.34
C ALA B 111 -11.58 2.03 -19.58
N PRO B 112 -12.44 1.56 -20.50
CA PRO B 112 -11.92 0.87 -21.68
C PRO B 112 -11.02 1.74 -22.55
N SER B 113 -11.31 3.03 -22.65
CA SER B 113 -10.50 3.95 -23.44
C SER B 113 -9.34 4.55 -22.66
N GLY B 114 -9.30 4.34 -21.34
CA GLY B 114 -8.22 4.87 -20.54
C GLY B 114 -8.38 6.29 -20.08
N ASN B 115 -9.61 6.81 -20.02
CA ASN B 115 -9.83 8.19 -19.62
C ASN B 115 -10.34 8.33 -18.20
N TYR B 116 -11.00 7.32 -17.64
CA TYR B 116 -11.67 7.43 -16.36
C TYR B 116 -11.33 6.24 -15.46
N VAL B 117 -11.51 6.41 -14.18
CA VAL B 117 -11.40 5.30 -13.23
C VAL B 117 -12.54 5.54 -12.25
N ALA B 118 -13.14 4.50 -11.72
CA ALA B 118 -14.21 4.73 -10.77
C ALA B 118 -14.03 3.88 -9.56
N CYS B 119 -14.55 4.30 -8.43
CA CYS B 119 -14.51 3.45 -7.24
C CYS B 119 -15.66 3.76 -6.32
N GLY B 120 -16.23 2.75 -5.70
CA GLY B 120 -17.31 2.98 -4.78
C GLY B 120 -17.11 2.10 -3.58
N GLY B 121 -17.57 2.49 -2.43
CA GLY B 121 -17.35 1.65 -1.26
C GLY B 121 -18.47 1.42 -0.29
N LEU B 122 -18.19 1.65 0.98
CA LEU B 122 -19.17 1.44 2.03
C LEU B 122 -20.01 2.68 2.35
N ASP B 123 -19.93 3.70 1.49
CA ASP B 123 -20.70 4.90 1.73
C ASP B 123 -21.79 5.14 0.72
N ASN B 124 -22.19 4.12 -0.02
CA ASN B 124 -23.25 4.17 -1.03
C ASN B 124 -23.16 5.19 -2.17
N ILE B 125 -22.01 5.39 -2.78
CA ILE B 125 -21.85 6.38 -3.83
C ILE B 125 -20.77 5.89 -4.74
N CYS B 126 -20.94 5.98 -6.07
CA CYS B 126 -19.95 5.62 -7.07
C CYS B 126 -19.38 6.90 -7.67
N SER B 127 -18.05 7.03 -7.65
CA SER B 127 -17.38 8.25 -8.06
C SER B 127 -16.59 8.04 -9.35
N ILE B 128 -16.57 9.06 -10.19
CA ILE B 128 -15.91 9.01 -11.50
C ILE B 128 -14.83 10.08 -11.53
N TYR B 129 -13.61 9.67 -11.88
CA TYR B 129 -12.46 10.57 -11.92
C TYR B 129 -11.97 10.73 -13.36
N ASN B 130 -11.61 11.96 -13.71
CA ASN B 130 -11.19 12.31 -15.06
C ASN B 130 -9.68 12.39 -15.10
N LEU B 131 -9.04 11.45 -15.79
CA LEU B 131 -7.59 11.34 -15.81
C LEU B 131 -6.92 12.32 -16.77
N LYS B 132 -7.53 12.57 -17.93
CA LYS B 132 -6.93 13.38 -18.98
C LYS B 132 -7.65 14.72 -19.05
N THR B 133 -7.06 15.75 -18.47
CA THR B 133 -7.66 17.06 -18.38
C THR B 133 -6.62 18.14 -18.67
N ARG B 134 -7.11 19.35 -18.95
CA ARG B 134 -6.21 20.46 -19.27
C ARG B 134 -5.41 20.92 -18.07
N GLU B 135 -5.77 20.50 -16.86
CA GLU B 135 -4.97 20.75 -15.67
C GLU B 135 -4.00 19.59 -15.47
N GLY B 136 -3.28 19.63 -14.36
CA GLY B 136 -2.37 18.55 -14.05
C GLY B 136 -2.82 17.70 -12.88
N ASN B 137 -4.12 17.71 -12.61
CA ASN B 137 -4.66 16.97 -11.46
C ASN B 137 -5.79 16.07 -11.94
N VAL B 138 -6.19 15.15 -11.06
CA VAL B 138 -7.30 14.25 -11.32
C VAL B 138 -8.48 14.73 -10.48
N ARG B 139 -9.59 15.04 -11.14
CA ARG B 139 -10.77 15.60 -10.50
C ARG B 139 -11.93 14.63 -10.60
N VAL B 140 -12.82 14.69 -9.61
CA VAL B 140 -14.05 13.91 -9.66
C VAL B 140 -15.09 14.65 -10.47
N SER B 141 -15.67 13.97 -11.46
CA SER B 141 -16.59 14.62 -12.39
C SER B 141 -18.04 14.23 -12.16
N ARG B 142 -18.32 13.12 -11.49
CA ARG B 142 -19.67 12.70 -11.24
C ARG B 142 -19.72 11.87 -9.96
N GLU B 143 -20.79 12.04 -9.19
CA GLU B 143 -21.03 11.27 -7.98
C GLU B 143 -22.41 10.65 -8.10
N LEU B 144 -22.46 9.35 -8.40
CA LEU B 144 -23.70 8.65 -8.66
C LEU B 144 -24.28 8.15 -7.34
N ALA B 145 -25.46 8.66 -6.97
CA ALA B 145 -26.11 8.29 -5.73
C ALA B 145 -27.52 7.78 -6.02
N GLY B 146 -28.03 6.95 -5.12
CA GLY B 146 -29.33 6.33 -5.32
C GLY B 146 -29.41 4.92 -4.77
N HIS B 147 -28.27 4.29 -4.52
CA HIS B 147 -28.26 3.02 -3.83
C HIS B 147 -28.42 3.24 -2.33
N THR B 148 -28.89 2.20 -1.64
CA THR B 148 -29.02 2.23 -0.19
C THR B 148 -27.91 1.48 0.51
N GLY B 149 -27.61 0.26 0.10
CA GLY B 149 -26.51 -0.48 0.68
C GLY B 149 -25.17 -0.16 0.04
N TYR B 150 -24.12 -0.75 0.61
CA TYR B 150 -22.77 -0.51 0.12
C TYR B 150 -22.61 -1.03 -1.30
N LEU B 151 -21.81 -0.34 -2.11
CA LEU B 151 -21.47 -0.84 -3.43
C LEU B 151 -20.50 -2.00 -3.33
N SER B 152 -20.71 -3.01 -4.17
CA SER B 152 -19.88 -4.19 -4.16
C SER B 152 -19.12 -4.45 -5.44
N CYS B 153 -19.50 -3.82 -6.56
CA CYS B 153 -18.75 -3.93 -7.81
C CYS B 153 -19.22 -2.83 -8.76
N CYS B 154 -18.40 -2.58 -9.77
CA CYS B 154 -18.76 -1.63 -10.82
C CYS B 154 -17.93 -1.92 -12.06
N ARG B 155 -18.53 -1.77 -13.23
CA ARG B 155 -17.87 -2.07 -14.49
C ARG B 155 -18.30 -1.07 -15.55
N PHE B 156 -17.36 -0.67 -16.41
CA PHE B 156 -17.61 0.31 -17.45
C PHE B 156 -18.09 -0.35 -18.72
N LEU B 157 -19.04 0.29 -19.41
CA LEU B 157 -19.44 -0.11 -20.75
C LEU B 157 -18.80 0.79 -21.80
N ASP B 158 -19.05 2.09 -21.70
CA ASP B 158 -18.51 3.10 -22.60
C ASP B 158 -17.83 4.19 -21.78
N ASP B 159 -17.51 5.30 -22.41
CA ASP B 159 -17.21 6.50 -21.64
C ASP B 159 -18.46 7.12 -21.03
N ASN B 160 -19.61 6.50 -21.21
CA ASN B 160 -20.90 7.05 -20.80
C ASN B 160 -21.67 6.15 -19.86
N GLN B 161 -21.72 4.84 -20.10
CA GLN B 161 -22.59 3.95 -19.36
C GLN B 161 -21.77 3.07 -18.42
N ILE B 162 -22.25 2.93 -17.20
CA ILE B 162 -21.60 2.13 -16.17
C ILE B 162 -22.65 1.23 -15.51
N VAL B 163 -22.20 0.10 -14.99
CA VAL B 163 -23.06 -0.85 -14.29
C VAL B 163 -22.54 -0.99 -12.86
N THR B 164 -23.44 -0.90 -11.90
CA THR B 164 -23.08 -0.97 -10.48
C THR B 164 -23.86 -2.07 -9.79
N SER B 165 -23.24 -2.67 -8.78
CA SER B 165 -23.87 -3.65 -7.90
C SER B 165 -23.74 -3.17 -6.47
N SER B 166 -24.81 -3.33 -5.70
CA SER B 166 -24.83 -2.82 -4.33
C SER B 166 -25.27 -3.90 -3.36
N GLY B 167 -25.31 -3.54 -2.09
CA GLY B 167 -25.68 -4.42 -1.01
C GLY B 167 -27.15 -4.42 -0.63
N ASP B 168 -28.00 -3.76 -1.40
CA ASP B 168 -29.44 -3.80 -1.17
C ASP B 168 -30.16 -4.69 -2.18
N THR B 169 -29.48 -5.73 -2.66
CA THR B 169 -30.07 -6.74 -3.54
C THR B 169 -30.54 -6.16 -4.88
N THR B 170 -29.86 -5.13 -5.39
CA THR B 170 -30.19 -4.57 -6.70
C THR B 170 -28.92 -4.26 -7.48
N CYS B 171 -29.04 -4.37 -8.80
CA CYS B 171 -28.05 -3.87 -9.75
C CYS B 171 -28.65 -2.65 -10.45
N ALA B 172 -27.83 -1.96 -11.24
CA ALA B 172 -28.30 -0.75 -11.89
C ALA B 172 -27.49 -0.49 -13.15
N LEU B 173 -28.08 0.30 -14.04
CA LEU B 173 -27.39 0.83 -15.22
C LEU B 173 -27.60 2.33 -15.24
N TRP B 174 -26.51 3.07 -15.35
CA TRP B 174 -26.52 4.51 -15.16
C TRP B 174 -26.24 5.25 -16.47
N ASP B 175 -26.40 6.56 -16.41
CA ASP B 175 -26.10 7.47 -17.52
C ASP B 175 -25.33 8.63 -16.91
N ILE B 176 -24.04 8.74 -17.26
CA ILE B 176 -23.12 9.53 -16.45
C ILE B 176 -23.42 11.03 -16.57
N GLU B 177 -23.63 11.52 -17.80
CA GLU B 177 -23.82 12.96 -17.97
C GLU B 177 -25.08 13.44 -17.27
N THR B 178 -26.18 12.70 -17.38
CA THR B 178 -27.38 13.07 -16.65
C THR B 178 -27.24 12.73 -15.17
N GLY B 179 -26.46 11.70 -14.84
CA GLY B 179 -26.29 11.28 -13.46
C GLY B 179 -27.46 10.55 -12.87
N GLN B 180 -28.37 10.05 -13.70
CA GLN B 180 -29.62 9.48 -13.25
C GLN B 180 -29.69 7.99 -13.58
N GLN B 181 -30.23 7.22 -12.65
CA GLN B 181 -30.42 5.79 -12.86
C GLN B 181 -31.38 5.56 -14.03
N THR B 182 -30.98 4.69 -14.96
CA THR B 182 -31.78 4.41 -16.14
C THR B 182 -32.58 3.12 -16.02
N THR B 183 -31.93 2.03 -15.61
CA THR B 183 -32.60 0.75 -15.44
C THR B 183 -32.18 0.16 -14.11
N THR B 184 -33.13 -0.49 -13.42
CA THR B 184 -32.86 -1.17 -12.17
C THR B 184 -33.21 -2.64 -12.32
N PHE B 185 -32.28 -3.51 -11.93
CA PHE B 185 -32.47 -4.96 -12.03
C PHE B 185 -32.75 -5.49 -10.62
N THR B 186 -33.95 -6.01 -10.42
CA THR B 186 -34.38 -6.51 -9.12
C THR B 186 -34.75 -7.98 -9.22
N GLY B 187 -34.62 -8.68 -8.10
CA GLY B 187 -34.92 -10.10 -8.07
C GLY B 187 -34.06 -10.91 -7.13
N HIS B 188 -32.93 -10.36 -6.71
CA HIS B 188 -32.07 -11.06 -5.76
C HIS B 188 -32.63 -10.96 -4.35
N THR B 189 -32.34 -11.97 -3.53
CA THR B 189 -32.79 -12.02 -2.15
C THR B 189 -31.76 -11.45 -1.18
N GLY B 190 -30.52 -11.92 -1.26
CA GLY B 190 -29.44 -11.40 -0.47
C GLY B 190 -28.63 -10.36 -1.24
N ASP B 191 -27.71 -9.72 -0.52
CA ASP B 191 -26.92 -8.66 -1.12
C ASP B 191 -25.95 -9.20 -2.17
N VAL B 192 -25.81 -8.46 -3.26
CA VAL B 192 -25.10 -8.92 -4.44
C VAL B 192 -23.63 -8.59 -4.29
N MET B 193 -22.77 -9.58 -4.56
CA MET B 193 -21.34 -9.43 -4.28
C MET B 193 -20.50 -9.07 -5.49
N SER B 194 -20.80 -9.58 -6.68
CA SER B 194 -19.96 -9.29 -7.82
C SER B 194 -20.75 -9.46 -9.11
N LEU B 195 -20.21 -8.90 -10.19
CA LEU B 195 -20.78 -9.03 -11.53
C LEU B 195 -19.66 -9.03 -12.55
N SER B 196 -19.96 -9.58 -13.72
CA SER B 196 -19.02 -9.59 -14.83
C SER B 196 -19.76 -9.28 -16.12
N LEU B 197 -19.06 -8.68 -17.08
CA LEU B 197 -19.63 -8.31 -18.35
C LEU B 197 -19.42 -9.42 -19.37
N ALA B 198 -19.82 -9.15 -20.61
CA ALA B 198 -19.69 -10.09 -21.72
C ALA B 198 -18.90 -9.45 -22.84
N PRO B 199 -18.24 -10.25 -23.69
CA PRO B 199 -17.45 -9.67 -24.78
C PRO B 199 -18.25 -8.80 -25.72
N ASP B 200 -19.52 -9.13 -25.98
CA ASP B 200 -20.34 -8.37 -26.90
C ASP B 200 -21.09 -7.22 -26.24
N THR B 201 -20.99 -7.08 -24.92
CA THR B 201 -21.59 -5.95 -24.18
C THR B 201 -23.09 -5.88 -24.44
N ARG B 202 -23.77 -7.01 -24.23
CA ARG B 202 -25.22 -7.08 -24.36
C ARG B 202 -25.82 -7.77 -23.14
N LEU B 203 -25.01 -8.60 -22.48
CA LEU B 203 -25.45 -9.38 -21.33
C LEU B 203 -24.42 -9.24 -20.23
N PHE B 204 -24.85 -9.40 -18.99
CA PHE B 204 -23.92 -9.44 -17.87
C PHE B 204 -24.46 -10.37 -16.81
N VAL B 205 -23.55 -11.03 -16.09
CA VAL B 205 -23.91 -12.01 -15.08
C VAL B 205 -23.69 -11.39 -13.71
N SER B 206 -24.31 -11.98 -12.70
CA SER B 206 -24.22 -11.46 -11.34
C SER B 206 -24.30 -12.61 -10.34
N GLY B 207 -23.62 -12.45 -9.22
CA GLY B 207 -23.65 -13.44 -8.16
C GLY B 207 -23.91 -12.79 -6.82
N ALA B 208 -24.77 -13.41 -6.01
CA ALA B 208 -25.24 -12.79 -4.78
C ALA B 208 -25.03 -13.73 -3.60
N CYS B 209 -25.36 -13.24 -2.42
CA CYS B 209 -25.20 -13.99 -1.18
C CYS B 209 -26.40 -14.87 -0.85
N ASP B 210 -27.42 -14.90 -1.70
CA ASP B 210 -28.47 -15.90 -1.59
C ASP B 210 -28.14 -17.18 -2.33
N ALA B 211 -26.86 -17.37 -2.68
CA ALA B 211 -26.35 -18.59 -3.30
C ALA B 211 -27.05 -18.86 -4.65
N SER B 212 -27.11 -17.83 -5.48
CA SER B 212 -27.62 -17.99 -6.84
C SER B 212 -26.98 -16.96 -7.74
N ALA B 213 -26.89 -17.28 -9.03
CA ALA B 213 -26.33 -16.39 -10.03
C ALA B 213 -27.35 -16.23 -11.16
N LYS B 214 -27.52 -15.00 -11.62
CA LYS B 214 -28.52 -14.66 -12.61
C LYS B 214 -27.89 -13.94 -13.79
N LEU B 215 -28.49 -14.11 -14.96
CA LEU B 215 -28.04 -13.49 -16.19
C LEU B 215 -29.06 -12.44 -16.62
N TRP B 216 -28.59 -11.23 -16.88
CA TRP B 216 -29.47 -10.11 -17.19
C TRP B 216 -29.21 -9.60 -18.59
N ASP B 217 -30.20 -8.90 -19.14
CA ASP B 217 -30.10 -8.24 -20.43
C ASP B 217 -30.12 -6.74 -20.24
N VAL B 218 -29.15 -6.04 -20.83
CA VAL B 218 -28.98 -4.61 -20.55
C VAL B 218 -30.12 -3.79 -21.16
N ARG B 219 -30.48 -4.09 -22.41
CA ARG B 219 -31.44 -3.24 -23.11
C ARG B 219 -32.84 -3.35 -22.53
N GLU B 220 -33.33 -4.58 -22.33
CA GLU B 220 -34.69 -4.76 -21.85
C GLU B 220 -34.82 -4.70 -20.35
N GLY B 221 -33.71 -4.77 -19.62
CA GLY B 221 -33.73 -4.64 -18.17
C GLY B 221 -34.51 -5.71 -17.45
N MET B 222 -34.32 -6.96 -17.84
CA MET B 222 -35.06 -8.05 -17.22
C MET B 222 -34.19 -9.30 -17.16
N CYS B 223 -34.48 -10.14 -16.17
CA CYS B 223 -33.72 -11.37 -15.97
C CYS B 223 -34.03 -12.37 -17.07
N ARG B 224 -33.07 -13.25 -17.34
CA ARG B 224 -33.19 -14.23 -18.41
C ARG B 224 -33.10 -15.66 -17.92
N GLN B 225 -32.12 -15.97 -17.07
CA GLN B 225 -31.92 -17.33 -16.57
C GLN B 225 -31.51 -17.29 -15.11
N THR B 226 -31.39 -18.47 -14.51
CA THR B 226 -31.01 -18.60 -13.10
C THR B 226 -30.30 -19.92 -12.88
N PHE B 227 -29.13 -19.86 -12.25
CA PHE B 227 -28.32 -21.03 -11.95
C PHE B 227 -28.15 -21.16 -10.45
N THR B 228 -28.34 -22.37 -9.93
CA THR B 228 -28.19 -22.67 -8.52
C THR B 228 -27.28 -23.87 -8.33
N GLY B 229 -26.89 -24.11 -7.08
CA GLY B 229 -26.06 -25.26 -6.77
C GLY B 229 -25.04 -25.00 -5.68
N HIS B 230 -24.79 -23.72 -5.36
CA HIS B 230 -23.78 -23.38 -4.38
C HIS B 230 -24.37 -23.42 -2.97
N GLU B 231 -23.60 -23.96 -2.04
CA GLU B 231 -24.09 -24.11 -0.67
C GLU B 231 -24.09 -22.77 0.07
N SER B 232 -23.05 -21.97 -0.10
CA SER B 232 -22.92 -20.70 0.61
C SER B 232 -22.91 -19.55 -0.38
N ASP B 233 -22.63 -18.36 0.11
CA ASP B 233 -22.72 -17.16 -0.70
C ASP B 233 -21.61 -17.13 -1.76
N ILE B 234 -21.83 -16.31 -2.79
CA ILE B 234 -20.94 -16.18 -3.93
C ILE B 234 -20.03 -14.98 -3.72
N ASN B 235 -18.73 -15.17 -3.87
CA ASN B 235 -17.78 -14.08 -3.69
C ASN B 235 -17.24 -13.53 -5.00
N ALA B 236 -17.02 -14.39 -5.99
CA ALA B 236 -16.41 -13.93 -7.24
C ALA B 236 -17.03 -14.66 -8.42
N ILE B 237 -17.15 -13.94 -9.53
CA ILE B 237 -17.69 -14.49 -10.76
C ILE B 237 -16.89 -13.95 -11.93
N CYS B 238 -16.61 -14.83 -12.90
CA CYS B 238 -15.86 -14.46 -14.09
C CYS B 238 -16.53 -15.09 -15.31
N PHE B 239 -16.24 -14.55 -16.48
CA PHE B 239 -16.95 -14.89 -17.70
C PHE B 239 -15.97 -15.52 -18.69
N PHE B 240 -16.35 -16.64 -19.28
CA PHE B 240 -15.49 -17.33 -20.25
C PHE B 240 -15.23 -16.42 -21.45
N PRO B 241 -14.04 -16.49 -22.05
CA PRO B 241 -13.75 -15.62 -23.20
C PRO B 241 -14.68 -15.84 -24.38
N ASN B 242 -15.17 -17.06 -24.57
CA ASN B 242 -16.03 -17.36 -25.71
C ASN B 242 -17.34 -16.58 -25.63
N GLY B 243 -17.89 -16.43 -24.43
CA GLY B 243 -19.18 -15.83 -24.23
C GLY B 243 -20.29 -16.80 -23.93
N ASN B 244 -19.99 -18.08 -23.75
CA ASN B 244 -21.00 -19.11 -23.55
C ASN B 244 -20.87 -19.85 -22.22
N ALA B 245 -20.02 -19.38 -21.32
CA ALA B 245 -19.84 -20.05 -20.03
C ALA B 245 -19.33 -19.04 -19.02
N PHE B 246 -19.38 -19.42 -17.75
CA PHE B 246 -18.81 -18.60 -16.70
C PHE B 246 -18.56 -19.48 -15.48
N ALA B 247 -17.62 -19.04 -14.63
CA ALA B 247 -17.21 -19.79 -13.46
C ALA B 247 -17.31 -18.92 -12.22
N THR B 248 -17.59 -19.55 -11.09
CA THR B 248 -17.80 -18.86 -9.82
C THR B 248 -16.83 -19.38 -8.77
N GLY B 249 -16.81 -18.69 -7.63
CA GLY B 249 -16.04 -19.11 -6.48
C GLY B 249 -16.73 -18.70 -5.19
N SER B 250 -16.93 -19.64 -4.28
CA SER B 250 -17.78 -19.41 -3.12
C SER B 250 -17.00 -19.60 -1.82
N ASP B 251 -17.72 -19.42 -0.70
CA ASP B 251 -17.15 -19.55 0.63
C ASP B 251 -16.92 -21.00 1.04
N ASP B 252 -17.50 -21.96 0.33
CA ASP B 252 -17.39 -23.37 0.69
C ASP B 252 -16.29 -24.09 -0.07
N ALA B 253 -15.23 -23.37 -0.45
CA ALA B 253 -14.05 -23.96 -1.07
C ALA B 253 -14.38 -24.70 -2.36
N THR B 254 -15.28 -24.13 -3.17
CA THR B 254 -15.66 -24.74 -4.43
C THR B 254 -15.72 -23.68 -5.53
N CYS B 255 -15.29 -24.07 -6.74
CA CYS B 255 -15.42 -23.28 -7.94
C CYS B 255 -16.12 -24.14 -8.98
N ARG B 256 -17.16 -23.60 -9.61
CA ARG B 256 -17.97 -24.37 -10.54
C ARG B 256 -18.03 -23.67 -11.89
N LEU B 257 -18.44 -24.41 -12.91
CA LEU B 257 -18.54 -23.88 -14.27
C LEU B 257 -19.93 -24.16 -14.82
N PHE B 258 -20.60 -23.12 -15.30
CA PHE B 258 -21.97 -23.23 -15.80
C PHE B 258 -22.02 -22.90 -17.29
N ASP B 259 -22.72 -23.73 -18.05
CA ASP B 259 -23.01 -23.41 -19.44
C ASP B 259 -24.13 -22.38 -19.52
N LEU B 260 -24.11 -21.60 -20.60
CA LEU B 260 -25.08 -20.51 -20.74
C LEU B 260 -26.34 -20.96 -21.47
N ARG B 261 -26.17 -21.54 -22.67
CA ARG B 261 -27.33 -21.98 -23.44
C ARG B 261 -27.68 -23.44 -23.18
N ALA B 262 -26.92 -24.15 -22.35
CA ALA B 262 -27.35 -25.47 -21.89
C ALA B 262 -28.07 -25.40 -20.55
N ASP B 263 -27.80 -24.36 -19.75
CA ASP B 263 -28.53 -24.07 -18.52
C ASP B 263 -28.35 -25.19 -17.49
N GLN B 264 -27.11 -25.65 -17.30
CA GLN B 264 -26.82 -26.73 -16.37
C GLN B 264 -25.55 -26.41 -15.62
N GLU B 265 -24.98 -27.44 -14.99
CA GLU B 265 -23.80 -27.32 -14.15
C GLU B 265 -22.74 -28.31 -14.63
N LEU B 266 -21.59 -27.80 -15.03
CA LEU B 266 -20.50 -28.62 -15.53
C LEU B 266 -19.51 -28.93 -14.40
N MET B 267 -18.27 -29.28 -14.75
CA MET B 267 -17.30 -29.77 -13.79
C MET B 267 -17.06 -28.79 -12.65
N THR B 268 -16.94 -29.34 -11.43
CA THR B 268 -16.57 -28.58 -10.24
C THR B 268 -15.08 -28.72 -9.99
N TYR B 269 -14.48 -27.65 -9.47
CA TYR B 269 -13.04 -27.62 -9.18
C TYR B 269 -12.86 -27.53 -7.67
N SER B 270 -12.52 -28.66 -7.05
CA SER B 270 -12.40 -28.71 -5.60
C SER B 270 -11.43 -29.79 -5.21
N HIS B 271 -10.94 -29.70 -3.98
CA HIS B 271 -10.03 -30.69 -3.40
C HIS B 271 -10.28 -30.77 -1.90
N ASP B 272 -9.81 -31.85 -1.30
CA ASP B 272 -10.09 -32.11 0.11
C ASP B 272 -9.08 -31.49 1.05
N ASN B 273 -8.06 -30.80 0.55
CA ASN B 273 -7.07 -30.15 1.38
C ASN B 273 -7.37 -28.68 1.65
N ILE B 274 -8.49 -28.15 1.15
CA ILE B 274 -8.83 -26.74 1.30
C ILE B 274 -10.13 -26.63 2.07
N ILE B 275 -10.14 -25.79 3.09
CA ILE B 275 -11.33 -25.58 3.92
C ILE B 275 -11.76 -24.13 3.81
N CYS B 276 -10.84 -23.24 3.48
CA CYS B 276 -11.14 -21.82 3.35
C CYS B 276 -11.76 -21.52 1.98
N GLY B 277 -12.40 -20.36 1.89
CA GLY B 277 -13.14 -19.99 0.70
C GLY B 277 -12.30 -19.28 -0.34
N ILE B 278 -12.94 -18.95 -1.46
CA ILE B 278 -12.31 -18.30 -2.60
C ILE B 278 -12.75 -16.85 -2.64
N THR B 279 -11.81 -15.97 -2.98
CA THR B 279 -12.10 -14.54 -3.09
C THR B 279 -12.16 -14.04 -4.52
N SER B 280 -11.38 -14.61 -5.44
CA SER B 280 -11.36 -14.11 -6.81
C SER B 280 -11.08 -15.25 -7.77
N VAL B 281 -11.64 -15.13 -8.98
CA VAL B 281 -11.39 -16.07 -10.06
C VAL B 281 -11.09 -15.29 -11.33
N SER B 282 -10.36 -15.93 -12.24
CA SER B 282 -10.02 -15.32 -13.52
C SER B 282 -9.52 -16.40 -14.46
N PHE B 283 -9.58 -16.11 -15.75
CA PHE B 283 -9.24 -17.07 -16.80
C PHE B 283 -7.95 -16.68 -17.51
N SER B 284 -7.47 -17.59 -18.34
CA SER B 284 -6.38 -17.29 -19.27
C SER B 284 -6.94 -16.95 -20.64
N LYS B 285 -6.07 -16.48 -21.52
CA LYS B 285 -6.53 -15.97 -22.81
C LYS B 285 -7.22 -17.03 -23.62
N SER B 286 -6.70 -18.25 -23.61
CA SER B 286 -7.30 -19.35 -24.37
C SER B 286 -8.41 -20.05 -23.60
N GLY B 287 -8.60 -19.74 -22.32
CA GLY B 287 -9.54 -20.47 -21.51
C GLY B 287 -9.07 -21.82 -21.04
N ARG B 288 -7.79 -22.15 -21.25
CA ARG B 288 -7.29 -23.46 -20.86
C ARG B 288 -7.07 -23.56 -19.36
N LEU B 289 -6.71 -22.47 -18.70
CA LEU B 289 -6.44 -22.46 -17.27
C LEU B 289 -7.40 -21.54 -16.53
N LEU B 290 -7.93 -22.02 -15.42
CA LEU B 290 -8.72 -21.22 -14.49
C LEU B 290 -7.89 -21.05 -13.23
N LEU B 291 -7.60 -19.81 -12.86
CA LEU B 291 -6.79 -19.52 -11.68
C LEU B 291 -7.64 -18.77 -10.67
N ALA B 292 -7.61 -19.23 -9.42
CA ALA B 292 -8.47 -18.72 -8.36
C ALA B 292 -7.64 -18.32 -7.16
N GLY B 293 -7.98 -17.17 -6.58
CA GLY B 293 -7.29 -16.69 -5.40
C GLY B 293 -7.99 -17.15 -4.15
N TYR B 294 -7.23 -17.75 -3.24
CA TYR B 294 -7.82 -18.42 -2.09
C TYR B 294 -7.65 -17.59 -0.83
N ASP B 295 -8.09 -18.16 0.29
CA ASP B 295 -8.08 -17.50 1.59
C ASP B 295 -6.93 -17.95 2.47
N ASP B 296 -6.33 -19.12 2.20
CA ASP B 296 -5.17 -19.59 2.96
C ASP B 296 -3.87 -19.05 2.38
N PHE B 297 -3.82 -17.74 2.17
CA PHE B 297 -2.62 -17.01 1.78
C PHE B 297 -2.08 -17.42 0.41
N ASN B 298 -2.75 -18.36 -0.26
CA ASN B 298 -2.21 -18.96 -1.47
C ASN B 298 -3.15 -18.72 -2.65
N CYS B 299 -2.58 -18.74 -3.85
CA CYS B 299 -3.34 -18.67 -5.09
C CYS B 299 -3.06 -19.93 -5.88
N ASN B 300 -4.12 -20.61 -6.31
CA ASN B 300 -4.01 -21.87 -7.02
C ASN B 300 -4.40 -21.67 -8.48
N VAL B 301 -3.79 -22.45 -9.37
CA VAL B 301 -4.12 -22.42 -10.78
C VAL B 301 -4.60 -23.82 -11.18
N TRP B 302 -5.70 -23.87 -11.92
CA TRP B 302 -6.37 -25.13 -12.26
C TRP B 302 -6.39 -25.32 -13.77
N ASP B 303 -6.48 -26.57 -14.19
CA ASP B 303 -6.77 -26.89 -15.59
C ASP B 303 -8.28 -26.82 -15.78
N ALA B 304 -8.72 -25.90 -16.64
CA ALA B 304 -10.14 -25.60 -16.77
C ALA B 304 -10.94 -26.76 -17.35
N LEU B 305 -10.28 -27.78 -17.92
CA LEU B 305 -10.98 -28.83 -18.62
C LEU B 305 -10.93 -30.19 -17.94
N LYS B 306 -10.07 -30.39 -16.94
CA LYS B 306 -10.02 -31.67 -16.23
C LYS B 306 -9.92 -31.54 -14.71
N ALA B 307 -9.85 -30.33 -14.17
CA ALA B 307 -9.78 -30.11 -12.72
C ALA B 307 -8.58 -30.80 -12.11
N ASP B 308 -7.40 -30.33 -12.50
CA ASP B 308 -6.13 -30.81 -11.94
C ASP B 308 -5.34 -29.62 -11.43
N ARG B 309 -4.87 -29.71 -10.19
CA ARG B 309 -4.01 -28.66 -9.67
C ARG B 309 -2.65 -28.74 -10.37
N ALA B 310 -2.30 -27.67 -11.07
CA ALA B 310 -1.03 -27.62 -11.80
C ALA B 310 -0.41 -26.25 -11.56
N GLY B 311 0.34 -26.12 -10.48
CA GLY B 311 1.01 -24.88 -10.14
C GLY B 311 0.39 -24.19 -8.95
N VAL B 312 1.23 -23.50 -8.19
CA VAL B 312 0.80 -22.70 -7.03
C VAL B 312 1.59 -21.41 -7.05
N LEU B 313 0.92 -20.28 -6.82
CA LEU B 313 1.57 -18.98 -6.83
C LEU B 313 1.77 -18.50 -5.39
N ALA B 314 2.77 -19.06 -4.75
CA ALA B 314 3.08 -18.68 -3.37
C ALA B 314 3.97 -17.43 -3.31
N HIS B 316 2.81 -14.44 -0.63
CA HIS B 316 2.07 -13.46 0.16
C HIS B 316 2.03 -13.90 1.62
N ASP B 317 1.90 -12.92 2.52
CA ASP B 317 1.84 -13.19 3.95
C ASP B 317 0.44 -13.08 4.53
N ASN B 318 -0.57 -12.86 3.70
CA ASN B 318 -1.93 -12.69 4.20
C ASN B 318 -2.91 -13.10 3.10
N ARG B 319 -4.19 -12.87 3.37
CA ARG B 319 -5.26 -13.31 2.49
C ARG B 319 -5.18 -12.63 1.14
N VAL B 320 -5.40 -13.41 0.07
CA VAL B 320 -5.37 -12.88 -1.29
C VAL B 320 -6.76 -12.38 -1.64
N SER B 321 -6.84 -11.13 -2.14
CA SER B 321 -8.12 -10.47 -2.33
C SER B 321 -8.49 -10.15 -3.77
N CYS B 322 -7.54 -10.19 -4.71
CA CYS B 322 -7.85 -9.83 -6.08
C CYS B 322 -6.88 -10.50 -7.05
N LEU B 323 -7.30 -10.56 -8.31
CA LEU B 323 -6.52 -11.16 -9.39
C LEU B 323 -6.73 -10.38 -10.67
N GLY B 324 -6.03 -10.80 -11.72
CA GLY B 324 -6.19 -10.21 -13.03
C GLY B 324 -5.29 -10.83 -14.07
N VAL B 325 -5.78 -10.97 -15.30
CA VAL B 325 -4.98 -11.46 -16.41
C VAL B 325 -5.08 -10.46 -17.54
N THR B 326 -3.94 -10.07 -18.09
CA THR B 326 -3.87 -9.01 -19.08
C THR B 326 -4.65 -9.41 -20.33
N ASP B 327 -5.12 -8.41 -21.08
CA ASP B 327 -5.94 -8.68 -22.25
C ASP B 327 -5.23 -9.58 -23.25
N ASP B 328 -3.94 -9.37 -23.46
CA ASP B 328 -3.19 -10.18 -24.43
C ASP B 328 -2.42 -11.31 -23.77
N GLY B 329 -2.65 -11.58 -22.49
CA GLY B 329 -2.12 -12.76 -21.86
C GLY B 329 -0.63 -12.75 -21.54
N MET B 330 -0.07 -11.59 -21.21
CA MET B 330 1.31 -11.57 -20.73
C MET B 330 1.44 -12.21 -19.37
N ALA B 331 0.77 -11.62 -18.37
CA ALA B 331 1.11 -11.89 -16.99
C ALA B 331 -0.16 -11.93 -16.14
N VAL B 332 0.04 -12.07 -14.83
CA VAL B 332 -1.03 -12.13 -13.83
C VAL B 332 -0.62 -11.24 -12.67
N ALA B 333 -1.55 -10.44 -12.17
CA ALA B 333 -1.30 -9.60 -11.01
C ALA B 333 -2.17 -10.06 -9.85
N THR B 334 -1.61 -10.07 -8.64
CA THR B 334 -2.32 -10.45 -7.44
C THR B 334 -2.15 -9.40 -6.36
N GLY B 335 -3.19 -9.21 -5.56
CA GLY B 335 -3.12 -8.30 -4.42
C GLY B 335 -3.44 -9.02 -3.13
N SER B 336 -3.13 -8.43 -2.00
CA SER B 336 -3.40 -9.11 -0.76
C SER B 336 -3.63 -8.18 0.37
N TRP B 337 -3.88 -8.74 1.53
CA TRP B 337 -4.16 -7.95 2.70
C TRP B 337 -2.90 -7.46 3.42
N ASP B 338 -1.72 -7.83 2.97
CA ASP B 338 -0.53 -7.34 3.62
C ASP B 338 0.06 -6.20 2.86
N SER B 339 -0.66 -5.74 1.83
CA SER B 339 -0.36 -4.59 0.95
C SER B 339 0.72 -4.60 -0.15
N PHE B 340 0.99 -5.74 -0.79
CA PHE B 340 1.93 -5.76 -1.89
C PHE B 340 1.34 -6.47 -3.07
N LEU B 341 1.56 -5.93 -4.26
CA LEU B 341 1.11 -6.45 -5.55
C LEU B 341 2.28 -7.12 -6.24
N LYS B 342 2.06 -8.31 -6.77
CA LYS B 342 3.11 -9.09 -7.42
C LYS B 342 2.65 -9.53 -8.80
N ILE B 343 3.55 -9.45 -9.77
CA ILE B 343 3.25 -9.78 -11.16
C ILE B 343 3.96 -11.07 -11.53
N TRP B 344 3.18 -12.11 -11.80
CA TRP B 344 3.70 -13.45 -12.06
C TRP B 344 3.67 -13.72 -13.55
N ASN B 345 4.70 -14.37 -14.03
CA ASN B 345 4.83 -14.65 -15.42
C ASN B 345 5.38 -16.01 -15.69
N LEU C 25 41.70 -28.79 24.63
CA LEU C 25 42.62 -27.82 25.22
C LEU C 25 42.40 -26.46 24.61
N TYR C 26 43.24 -26.09 23.66
CA TYR C 26 43.09 -24.82 22.95
C TYR C 26 41.79 -24.82 22.18
N SER C 27 41.42 -25.97 21.64
CA SER C 27 40.23 -26.06 20.79
C SER C 27 38.91 -25.73 21.47
N LEU C 28 38.83 -25.83 22.79
CA LEU C 28 37.56 -25.61 23.47
C LEU C 28 36.97 -24.22 23.20
N MET C 29 37.82 -23.21 23.17
CA MET C 29 37.35 -21.86 22.90
C MET C 29 36.73 -21.66 21.51
N SER C 30 37.25 -22.32 20.49
CA SER C 30 36.69 -22.22 19.14
C SER C 30 35.16 -22.12 19.10
N LEU C 31 34.48 -23.02 19.82
CA LEU C 31 33.03 -23.01 19.84
C LEU C 31 32.55 -21.59 20.06
N ILE C 32 33.18 -20.82 20.95
CA ILE C 32 32.76 -19.43 21.12
C ILE C 32 32.78 -18.73 19.81
N ILE C 33 33.90 -18.83 19.13
CA ILE C 33 34.03 -18.08 17.88
C ILE C 33 32.94 -18.43 16.89
N LEU C 34 32.56 -19.70 16.85
CA LEU C 34 31.48 -20.09 15.96
C LEU C 34 30.21 -19.40 16.41
N ALA C 35 29.97 -19.40 17.72
CA ALA C 35 28.79 -18.73 18.23
C ALA C 35 28.77 -17.28 17.85
N THR C 36 29.79 -16.50 18.17
CA THR C 36 29.71 -15.11 17.77
C THR C 36 29.48 -15.00 16.26
N LEU C 37 29.81 -16.04 15.50
CA LEU C 37 29.63 -15.90 14.08
C LEU C 37 28.25 -16.34 13.61
N VAL C 38 27.75 -17.43 14.19
CA VAL C 38 26.43 -17.88 13.85
C VAL C 38 25.27 -17.05 14.40
N GLY C 39 25.39 -16.60 15.63
CA GLY C 39 24.30 -15.92 16.29
C GLY C 39 23.94 -14.67 15.57
N ASN C 40 24.96 -13.96 15.17
CA ASN C 40 24.84 -12.69 14.53
C ASN C 40 24.36 -12.84 13.08
N LEU C 41 24.86 -13.84 12.38
CA LEU C 41 24.45 -14.01 11.00
C LEU C 41 22.96 -14.28 10.92
N ILE C 42 22.44 -15.13 11.80
CA ILE C 42 21.03 -15.45 11.77
C ILE C 42 20.17 -14.25 12.09
N VAL C 43 20.58 -13.38 13.02
CA VAL C 43 19.76 -12.18 13.22
C VAL C 43 19.86 -11.22 12.06
N ILE C 44 21.05 -11.07 11.51
CA ILE C 44 21.23 -10.13 10.42
C ILE C 44 20.31 -10.51 9.29
N ILE C 45 20.27 -11.74 8.83
CA ILE C 45 19.40 -11.99 7.68
C ILE C 45 18.00 -12.50 7.99
N SER C 46 17.67 -12.60 9.26
CA SER C 46 16.30 -13.00 9.54
C SER C 46 15.52 -11.73 9.48
N ILE C 47 16.22 -10.62 9.58
CA ILE C 47 15.63 -9.29 9.47
C ILE C 47 16.17 -8.52 8.28
N SER C 48 17.20 -9.02 7.63
CA SER C 48 17.74 -8.30 6.52
C SER C 48 16.67 -8.24 5.46
N HIS C 49 16.16 -9.44 5.12
CA HIS C 49 15.16 -9.56 4.07
C HIS C 49 13.89 -10.21 4.49
N PHE C 50 12.95 -9.43 4.96
CA PHE C 50 11.65 -9.89 5.41
C PHE C 50 10.88 -8.59 5.42
N LYS C 51 9.80 -8.57 4.66
CA LYS C 51 8.99 -7.32 4.55
C LYS C 51 8.04 -7.21 5.74
N GLN C 52 7.94 -8.26 6.54
CA GLN C 52 7.05 -8.25 7.69
C GLN C 52 7.75 -7.76 8.93
N LEU C 53 9.09 -7.70 8.91
CA LEU C 53 9.78 -7.33 10.14
C LEU C 53 10.54 -6.01 10.07
N HIS C 54 10.28 -5.17 9.06
CA HIS C 54 10.97 -3.88 8.97
C HIS C 54 10.36 -2.90 9.97
N THR C 55 10.36 -3.30 11.24
CA THR C 55 9.86 -2.43 12.30
C THR C 55 11.02 -1.67 12.93
N PRO C 56 10.77 -0.48 13.47
CA PRO C 56 11.87 0.36 13.95
C PRO C 56 12.79 -0.29 14.98
N THR C 57 12.26 -1.12 15.89
CA THR C 57 13.10 -1.76 16.89
C THR C 57 14.00 -2.84 16.27
N ASN C 58 13.51 -3.51 15.23
CA ASN C 58 14.31 -4.52 14.56
C ASN C 58 15.57 -3.93 13.94
N TRP C 59 15.58 -2.62 13.65
CA TRP C 59 16.81 -2.00 13.17
C TRP C 59 17.86 -1.90 14.28
N LEU C 60 17.44 -1.59 15.51
CA LEU C 60 18.38 -1.64 16.63
C LEU C 60 18.91 -3.05 16.82
N LEU C 61 18.04 -4.05 16.73
CA LEU C 61 18.52 -5.43 16.80
C LEU C 61 19.52 -5.73 15.68
N HIS C 62 19.23 -5.24 14.47
CA HIS C 62 20.11 -5.47 13.33
C HIS C 62 21.49 -4.86 13.56
N SER C 63 21.54 -3.62 14.04
CA SER C 63 22.80 -2.95 14.29
C SER C 63 23.60 -3.64 15.39
N MET C 64 22.90 -4.08 16.45
CA MET C 64 23.57 -4.84 17.50
C MET C 64 24.18 -6.12 16.95
N ALA C 65 23.44 -6.83 16.09
CA ALA C 65 23.97 -8.04 15.50
C ALA C 65 25.20 -7.76 14.65
N ILE C 66 25.18 -6.66 13.88
CA ILE C 66 26.34 -6.30 13.07
C ILE C 66 27.54 -6.02 13.95
N VAL C 67 27.34 -5.27 15.04
CA VAL C 67 28.45 -4.94 15.93
C VAL C 67 29.05 -6.22 16.52
N ASP C 68 28.20 -7.12 17.01
CA ASP C 68 28.70 -8.35 17.60
C ASP C 68 29.42 -9.21 16.56
N PHE C 69 28.90 -9.25 15.33
CA PHE C 69 29.52 -10.04 14.28
C PHE C 69 30.92 -9.51 13.94
N LEU C 70 31.04 -8.19 13.80
CA LEU C 70 32.35 -7.60 13.54
C LEU C 70 33.31 -7.87 14.69
N LEU C 71 32.85 -7.68 15.92
CA LEU C 71 33.68 -7.94 17.08
C LEU C 71 34.22 -9.36 17.05
N GLY C 72 33.34 -10.34 16.87
CA GLY C 72 33.80 -11.70 16.73
C GLY C 72 34.83 -11.85 15.63
N CYS C 73 34.40 -11.68 14.37
CA CYS C 73 35.21 -12.05 13.22
C CYS C 73 36.58 -11.37 13.24
N LEU C 74 36.65 -10.16 13.77
CA LEU C 74 37.93 -9.46 13.77
C LEU C 74 38.73 -9.78 15.04
N ILE C 75 38.17 -9.50 16.21
CA ILE C 75 38.95 -9.51 17.43
C ILE C 75 39.35 -10.92 17.84
N MET C 76 38.43 -11.89 17.76
CA MET C 76 38.70 -13.18 18.41
C MET C 76 39.97 -13.89 17.93
N PRO C 77 40.30 -13.96 16.63
CA PRO C 77 41.54 -14.66 16.24
C PRO C 77 42.81 -14.05 16.85
N CYS C 78 42.87 -12.72 16.96
CA CYS C 78 44.03 -12.11 17.59
C CYS C 78 44.09 -12.47 19.07
N SER C 79 42.94 -12.50 19.74
CA SER C 79 42.91 -12.96 21.12
C SER C 79 43.35 -14.42 21.23
N MET C 80 42.94 -15.25 20.27
CA MET C 80 43.48 -16.61 20.14
C MET C 80 44.99 -16.59 20.24
N VAL C 81 45.65 -15.94 19.27
CA VAL C 81 47.10 -16.03 19.19
C VAL C 81 47.75 -15.40 20.42
N ARG C 82 47.08 -14.42 21.03
CA ARG C 82 47.67 -13.74 22.18
C ARG C 82 47.56 -14.58 23.45
N THR C 83 46.44 -15.27 23.65
CA THR C 83 46.23 -15.93 24.93
C THR C 83 46.74 -17.37 24.91
N VAL C 84 46.90 -17.96 23.74
CA VAL C 84 47.39 -19.34 23.69
C VAL C 84 48.82 -19.42 24.23
N GLU C 85 49.68 -18.50 23.81
CA GLU C 85 51.10 -18.56 24.13
C GLU C 85 51.64 -17.30 24.80
N ARG C 86 50.77 -16.32 25.10
CA ARG C 86 51.10 -15.16 25.93
C ARG C 86 52.12 -14.24 25.28
N CYS C 87 52.09 -14.07 23.96
CA CYS C 87 52.91 -13.08 23.27
C CYS C 87 52.14 -12.49 22.11
N TRP C 88 52.55 -11.28 21.69
CA TRP C 88 51.92 -10.57 20.57
C TRP C 88 53.02 -10.26 19.56
N TYR C 89 53.29 -11.23 18.68
CA TYR C 89 54.38 -11.14 17.71
C TYR C 89 53.87 -10.60 16.37
N PHE C 90 53.21 -9.45 16.45
CA PHE C 90 52.67 -8.78 15.27
C PHE C 90 53.14 -7.34 15.12
N GLY C 91 54.09 -6.89 15.92
CA GLY C 91 54.61 -5.55 15.75
C GLY C 91 53.90 -4.54 16.64
N GLU C 92 54.63 -3.49 16.99
CA GLU C 92 54.07 -2.46 17.86
C GLU C 92 53.05 -1.61 17.13
N ILE C 93 53.11 -1.59 15.79
CA ILE C 93 52.20 -0.76 15.01
C ILE C 93 50.77 -1.27 15.12
N LEU C 94 50.59 -2.60 15.00
CA LEU C 94 49.24 -3.14 14.92
C LEU C 94 48.63 -3.34 16.31
N CYS C 95 49.45 -3.29 17.36
CA CYS C 95 48.93 -3.44 18.72
C CYS C 95 47.94 -2.33 19.05
N LYS C 96 48.31 -1.09 18.75
CA LYS C 96 47.43 0.05 19.02
C LYS C 96 46.14 -0.08 18.23
N VAL C 97 46.24 -0.49 16.97
CA VAL C 97 45.06 -0.65 16.12
C VAL C 97 44.13 -1.70 16.71
N HIS C 98 44.69 -2.84 17.13
CA HIS C 98 43.87 -3.92 17.67
C HIS C 98 43.16 -3.49 18.95
N THR C 99 43.89 -2.85 19.87
CA THR C 99 43.26 -2.41 21.10
C THR C 99 42.17 -1.37 20.84
N SER C 100 42.42 -0.49 19.89
CA SER C 100 41.47 0.55 19.55
C SER C 100 40.20 -0.03 18.98
N THR C 101 40.34 -1.02 18.11
CA THR C 101 39.18 -1.68 17.53
C THR C 101 38.40 -2.44 18.60
N ASP C 102 39.10 -3.10 19.52
CA ASP C 102 38.43 -3.84 20.59
C ASP C 102 37.59 -2.91 21.46
N ILE C 103 38.16 -1.76 21.84
CA ILE C 103 37.41 -0.80 22.63
C ILE C 103 36.21 -0.28 21.86
N MET C 104 36.42 0.08 20.59
CA MET C 104 35.33 0.45 19.69
C MET C 104 34.15 -0.51 19.82
N LEU C 105 34.39 -1.79 19.54
CA LEU C 105 33.29 -2.72 19.41
C LEU C 105 32.64 -3.06 20.75
N SER C 106 33.43 -3.18 21.82
CA SER C 106 32.83 -3.44 23.13
C SER C 106 31.93 -2.28 23.55
N SER C 107 32.40 -1.05 23.40
CA SER C 107 31.58 0.10 23.78
C SER C 107 30.32 0.17 22.92
N ALA C 108 30.45 -0.14 21.62
CA ALA C 108 29.26 -0.12 20.76
C ALA C 108 28.23 -1.13 21.23
N SER C 109 28.67 -2.34 21.61
CA SER C 109 27.73 -3.35 22.07
C SER C 109 26.98 -2.88 23.31
N ILE C 110 27.72 -2.36 24.29
CA ILE C 110 27.05 -1.92 25.52
C ILE C 110 26.10 -0.77 25.26
N PHE C 111 26.49 0.15 24.37
CA PHE C 111 25.62 1.28 24.06
C PHE C 111 24.33 0.81 23.39
N HIS C 112 24.42 -0.19 22.50
CA HIS C 112 23.22 -0.70 21.87
C HIS C 112 22.31 -1.38 22.87
N LEU C 113 22.88 -2.11 23.84
CA LEU C 113 22.05 -2.68 24.90
C LEU C 113 21.29 -1.60 25.66
N ALA C 114 21.97 -0.51 26.02
CA ALA C 114 21.30 0.57 26.73
C ALA C 114 20.17 1.18 25.91
N PHE C 115 20.41 1.37 24.60
CA PHE C 115 19.37 1.98 23.76
C PHE C 115 18.17 1.06 23.58
N ILE C 116 18.41 -0.25 23.47
CA ILE C 116 17.29 -1.20 23.43
C ILE C 116 16.47 -1.09 24.70
N SER C 117 17.13 -0.99 25.85
CA SER C 117 16.39 -0.84 27.10
C SER C 117 15.55 0.42 27.11
N ILE C 118 16.11 1.55 26.63
CA ILE C 118 15.33 2.79 26.62
C ILE C 118 14.12 2.66 25.71
N ASP C 119 14.28 1.98 24.61
CA ASP C 119 13.19 1.78 23.72
C ASP C 119 12.11 0.95 24.35
N ARG C 120 12.44 -0.13 25.05
CA ARG C 120 11.48 -0.99 25.73
C ARG C 120 10.76 -0.23 26.85
N TYR C 121 11.46 0.66 27.54
CA TYR C 121 10.81 1.49 28.54
C TYR C 121 9.82 2.46 27.91
N CYS C 122 10.18 3.04 26.76
CA CYS C 122 9.25 3.94 26.10
C CYS C 122 7.98 3.21 25.65
N ALA C 123 8.08 1.90 25.41
CA ALA C 123 6.88 1.15 25.03
C ALA C 123 5.92 0.95 26.21
N VAL C 124 6.37 0.25 27.26
CA VAL C 124 5.47 -0.20 28.32
C VAL C 124 4.97 0.96 29.17
N CYS C 125 5.88 1.84 29.59
CA CYS C 125 5.50 2.88 30.55
C CYS C 125 4.45 3.81 29.97
N ASP C 126 4.60 4.30 28.77
CA ASP C 126 3.56 5.18 28.24
C ASP C 126 3.27 4.59 26.88
N PRO C 127 2.12 3.93 26.72
CA PRO C 127 1.78 3.17 25.53
C PRO C 127 1.08 3.99 24.45
N LEU C 128 0.31 5.00 24.83
CA LEU C 128 -0.49 5.73 23.86
C LEU C 128 0.37 6.47 22.85
N ARG C 129 1.44 7.11 23.31
CA ARG C 129 2.34 7.85 22.44
C ARG C 129 3.61 7.08 22.10
N TYR C 130 3.55 5.75 22.04
CA TYR C 130 4.74 4.99 21.70
C TYR C 130 5.16 5.24 20.26
N LYS C 131 4.22 5.10 19.31
CA LYS C 131 4.59 5.15 17.90
C LYS C 131 4.94 6.57 17.46
N ALA C 132 4.45 7.57 18.18
CA ALA C 132 4.83 8.95 17.89
C ALA C 132 6.25 9.23 18.33
N LYS C 133 6.62 8.79 19.54
CA LYS C 133 7.91 9.16 20.12
C LYS C 133 9.06 8.29 19.64
N ILE C 134 8.78 7.13 19.06
CA ILE C 134 9.83 6.26 18.54
C ILE C 134 9.52 5.92 17.09
N ASN C 135 10.09 6.69 16.17
CA ASN C 135 9.85 6.51 14.75
C ASN C 135 11.17 6.17 14.05
N ILE C 136 11.15 6.13 12.72
CA ILE C 136 12.31 5.68 11.95
C ILE C 136 13.39 6.75 11.95
N SER C 137 13.07 7.94 12.46
CA SER C 137 14.04 9.03 12.48
C SER C 137 14.94 8.96 13.72
N THR C 138 14.34 8.83 14.91
CA THR C 138 15.13 8.84 16.14
C THR C 138 16.05 7.64 16.23
N ILE C 139 15.57 6.47 15.80
CA ILE C 139 16.36 5.25 15.93
C ILE C 139 17.61 5.31 15.06
N LEU C 140 17.51 5.93 13.88
CA LEU C 140 18.70 6.14 13.06
C LEU C 140 19.71 7.01 13.79
N VAL C 141 19.23 8.05 14.50
CA VAL C 141 20.11 8.92 15.26
C VAL C 141 20.83 8.13 16.35
N MET C 142 20.08 7.29 17.08
CA MET C 142 20.72 6.50 18.14
C MET C 142 21.75 5.55 17.55
N ILE C 143 21.43 4.91 16.41
CA ILE C 143 22.38 4.00 15.79
C ILE C 143 23.67 4.72 15.41
N LEU C 144 23.54 5.88 14.76
CA LEU C 144 24.73 6.61 14.33
C LEU C 144 25.54 7.10 15.53
N VAL C 145 24.89 7.59 16.57
CA VAL C 145 25.62 8.04 17.75
C VAL C 145 26.38 6.89 18.39
N SER C 146 25.71 5.74 18.54
CA SER C 146 26.32 4.60 19.22
C SER C 146 27.43 3.97 18.38
N TRP C 147 27.38 4.15 17.06
CA TRP C 147 28.49 3.70 16.23
C TRP C 147 29.64 4.70 16.25
N SER C 148 29.33 5.99 16.30
CA SER C 148 30.35 7.02 16.08
C SER C 148 31.16 7.28 17.34
N LEU C 149 30.49 7.59 18.45
CA LEU C 149 31.20 8.02 19.65
C LEU C 149 32.26 7.03 20.13
N PRO C 150 32.00 5.72 20.17
CA PRO C 150 33.08 4.78 20.51
C PRO C 150 34.28 4.89 19.59
N ALA C 151 34.06 5.13 18.30
CA ALA C 151 35.17 5.27 17.35
C ALA C 151 36.10 6.40 17.76
N VAL C 152 35.54 7.59 17.95
CA VAL C 152 36.35 8.75 18.32
C VAL C 152 37.03 8.51 19.66
N TYR C 153 36.28 7.99 20.63
CA TYR C 153 36.80 7.77 22.00
C TYR C 153 37.97 6.77 22.02
N ALA C 154 37.87 5.73 21.21
CA ALA C 154 38.88 4.72 21.18
C ALA C 154 40.23 5.13 20.68
N PHE C 155 40.32 5.54 19.42
CA PHE C 155 41.60 5.96 18.92
C PHE C 155 42.10 7.19 19.62
N GLY C 156 41.22 8.16 19.86
CA GLY C 156 41.59 9.37 20.56
C GLY C 156 42.18 9.03 21.91
N MET C 157 41.95 7.80 22.35
CA MET C 157 42.50 7.34 23.61
C MET C 157 43.72 6.44 23.44
N ILE C 158 44.07 6.06 22.22
CA ILE C 158 45.13 5.09 21.98
C ILE C 158 46.29 5.68 21.19
N PHE C 159 46.03 6.19 19.99
CA PHE C 159 47.12 6.70 19.11
C PHE C 159 47.83 7.90 19.71
N LEU C 160 47.16 8.68 20.55
CA LEU C 160 47.74 9.86 21.16
C LEU C 160 48.32 9.57 22.55
N GLU C 161 48.24 8.32 22.99
CA GLU C 161 48.90 7.85 24.21
C GLU C 161 48.49 8.65 25.45
N LEU C 162 47.21 9.02 25.56
CA LEU C 162 46.74 9.65 26.80
C LEU C 162 46.51 8.62 27.89
N ASN C 163 46.34 7.35 27.52
CA ASN C 163 46.08 6.33 28.52
C ASN C 163 47.26 6.14 29.45
N LEU C 164 48.48 6.10 28.91
CA LEU C 164 49.68 5.80 29.67
C LEU C 164 50.60 6.99 29.85
N LYS C 165 50.10 8.20 29.60
CA LYS C 165 50.93 9.40 29.75
C LYS C 165 51.38 9.53 31.21
N GLY C 166 52.68 9.77 31.40
CA GLY C 166 53.27 9.91 32.71
C GLY C 166 53.71 8.61 33.36
N VAL C 167 53.28 7.47 32.84
CA VAL C 167 53.64 6.17 33.40
C VAL C 167 54.19 5.25 32.30
N GLU C 168 54.82 5.86 31.28
CA GLU C 168 55.28 5.08 30.14
C GLU C 168 56.34 4.05 30.52
N GLU C 169 57.02 4.25 31.65
CA GLU C 169 58.08 3.33 32.04
C GLU C 169 57.54 1.93 32.31
N LEU C 170 56.40 1.83 32.99
CA LEU C 170 55.87 0.52 33.37
C LEU C 170 55.48 -0.31 32.14
N TYR C 171 54.81 0.32 31.17
CA TYR C 171 54.43 -0.42 29.97
C TYR C 171 55.65 -0.83 29.16
N ARG C 172 56.70 -0.02 29.18
CA ARG C 172 57.94 -0.40 28.51
C ARG C 172 58.49 -1.69 29.10
N SER C 173 58.56 -1.77 30.44
CA SER C 173 59.03 -2.99 31.08
C SER C 173 58.12 -4.18 30.77
N GLN C 174 56.81 -3.96 30.79
CA GLN C 174 55.88 -5.06 30.55
C GLN C 174 55.98 -5.59 29.13
N VAL C 175 56.08 -4.69 28.15
CA VAL C 175 56.19 -5.14 26.75
C VAL C 175 57.55 -5.77 26.51
N SER C 176 58.59 -5.30 27.20
CA SER C 176 59.89 -5.93 27.06
C SER C 176 59.91 -7.31 27.70
N ASP C 177 59.06 -7.53 28.70
CA ASP C 177 59.06 -8.81 29.40
C ASP C 177 58.63 -9.94 28.47
N GLY C 179 56.28 -9.07 25.39
CA GLY C 179 55.74 -8.57 24.14
C GLY C 179 54.24 -8.59 24.05
N GLY C 180 53.53 -8.84 25.15
CA GLY C 180 52.08 -8.86 25.11
C GLY C 180 51.51 -7.49 24.81
N CYS C 181 50.34 -7.47 24.19
CA CYS C 181 49.64 -6.24 23.84
C CYS C 181 48.33 -6.20 24.59
N SER C 182 48.26 -5.36 25.63
CA SER C 182 47.07 -5.23 26.44
C SER C 182 46.84 -3.75 26.72
N PRO C 183 45.58 -3.33 26.90
CA PRO C 183 45.32 -1.94 27.25
C PRO C 183 45.90 -1.58 28.61
N PHE C 184 46.90 -0.70 28.62
CA PHE C 184 47.48 -0.26 29.91
C PHE C 184 46.81 1.06 30.29
N PHE C 185 46.38 1.18 31.53
CA PHE C 185 45.69 2.35 32.04
C PHE C 185 46.35 2.88 33.29
N SER C 186 46.42 4.21 33.38
CA SER C 186 46.93 4.87 34.57
C SER C 186 45.82 5.04 35.60
N LYS C 187 46.08 5.85 36.62
CA LYS C 187 45.10 6.08 37.66
C LYS C 187 43.86 6.81 37.15
N VAL C 188 44.03 7.81 36.30
CA VAL C 188 42.90 8.61 35.84
C VAL C 188 42.31 8.06 34.54
N SER C 189 43.15 7.44 33.71
CA SER C 189 42.74 6.89 32.44
C SER C 189 41.76 5.78 32.69
N GLY C 190 42.15 4.89 33.58
CA GLY C 190 41.30 3.76 33.88
C GLY C 190 39.97 4.20 34.45
N VAL C 191 39.97 5.16 35.36
CA VAL C 191 38.69 5.58 35.89
C VAL C 191 37.84 6.21 34.82
N LEU C 192 38.43 7.00 33.94
CA LEU C 192 37.61 7.60 32.92
C LEU C 192 37.03 6.54 32.02
N ALA C 193 37.81 5.53 31.64
CA ALA C 193 37.24 4.49 30.78
C ALA C 193 36.12 3.79 31.51
N PHE C 194 36.34 3.46 32.77
CA PHE C 194 35.31 2.78 33.54
C PHE C 194 34.02 3.58 33.71
N MET C 195 34.12 4.90 33.90
CA MET C 195 32.90 5.68 34.11
C MET C 195 32.30 6.23 32.85
N THR C 196 33.04 6.15 31.76
CA THR C 196 32.49 6.68 30.55
C THR C 196 32.03 5.51 29.71
N SER C 197 32.08 4.30 30.28
CA SER C 197 31.71 3.16 29.46
C SER C 197 30.90 2.16 30.22
N PHE C 198 31.29 1.78 31.43
CA PHE C 198 30.47 0.82 32.14
C PHE C 198 29.35 1.49 32.85
N TYR C 199 29.69 2.36 33.76
CA TYR C 199 28.72 2.95 34.60
C TYR C 199 27.61 3.68 33.95
N ILE C 200 27.81 4.54 32.95
CA ILE C 200 26.63 5.21 32.38
C ILE C 200 25.66 4.28 31.68
N PRO C 201 26.15 3.31 30.92
CA PRO C 201 25.22 2.38 30.33
C PRO C 201 24.57 1.51 31.39
N GLY C 202 25.31 1.06 32.39
CA GLY C 202 24.71 0.23 33.43
C GLY C 202 23.66 0.97 34.21
N SER C 203 23.93 2.23 34.49
CA SER C 203 23.02 3.04 35.22
C SER C 203 21.74 3.21 34.44
N VAL C 204 21.81 3.41 33.13
CA VAL C 204 20.54 3.60 32.43
C VAL C 204 19.80 2.34 32.11
N MET C 205 20.44 1.20 32.17
CA MET C 205 19.76 -0.08 32.01
C MET C 205 19.12 -0.53 33.31
N LEU C 206 19.80 -0.31 34.45
CA LEU C 206 19.27 -0.80 35.71
C LEU C 206 18.05 0.00 36.17
N PHE C 207 18.08 1.31 35.96
CA PHE C 207 16.95 2.13 36.38
C PHE C 207 15.68 1.76 35.62
N VAL C 208 15.82 1.44 34.36
CA VAL C 208 14.70 1.14 33.49
C VAL C 208 14.16 -0.25 33.57
N TYR C 209 14.78 -1.23 34.15
CA TYR C 209 14.15 -2.53 34.26
C TYR C 209 13.69 -2.74 35.65
N TYR C 210 13.46 -1.70 36.41
CA TYR C 210 12.93 -1.70 37.75
C TYR C 210 11.51 -1.18 37.64
N ARG C 211 11.36 0.01 37.11
CA ARG C 211 10.03 0.60 36.92
C ARG C 211 9.15 -0.29 36.07
N ILE C 212 9.71 -0.91 35.04
CA ILE C 212 8.94 -1.82 34.20
C ILE C 212 8.45 -3.01 35.02
N TYR C 213 9.30 -3.54 35.89
CA TYR C 213 8.87 -4.66 36.72
C TYR C 213 7.74 -4.25 37.67
N PHE C 214 7.85 -3.09 38.29
CA PHE C 214 6.77 -2.64 39.17
C PHE C 214 5.47 -2.42 38.40
N ILE C 215 5.54 -1.79 37.23
CA ILE C 215 4.32 -1.53 36.47
C ILE C 215 3.69 -2.84 35.99
N ALA C 216 4.49 -3.78 35.53
CA ALA C 216 3.96 -5.07 35.10
C ALA C 216 3.31 -5.80 36.27
N LYS C 217 3.96 -5.80 37.43
CA LYS C 217 3.38 -6.46 38.60
C LYS C 217 2.07 -5.80 38.99
N GLY C 218 2.00 -4.47 38.95
CA GLY C 218 0.77 -3.79 39.31
C GLY C 218 -0.37 -4.06 38.36
N GLN C 219 -0.11 -3.94 37.05
CA GLN C 219 -1.19 -4.00 36.06
C GLN C 219 -1.34 -5.35 35.39
N ALA C 220 -0.72 -6.41 35.94
CA ALA C 220 -1.05 -7.75 35.46
C ALA C 220 -0.98 -8.76 36.60
N LYS C 245 6.58 -14.45 32.77
CA LYS C 245 6.58 -13.75 34.04
C LYS C 245 7.53 -12.55 34.01
N ALA C 246 7.09 -11.46 34.65
CA ALA C 246 7.84 -10.21 34.60
C ALA C 246 9.23 -10.37 35.19
N ALA C 247 9.30 -10.88 36.42
CA ALA C 247 10.61 -11.08 37.05
C ALA C 247 11.41 -12.13 36.29
N LYS C 248 10.76 -13.23 35.89
CA LYS C 248 11.48 -14.31 35.22
C LYS C 248 12.07 -13.85 33.90
N THR C 249 11.55 -12.77 33.32
CA THR C 249 12.13 -12.21 32.11
C THR C 249 13.13 -11.09 32.37
N LEU C 250 12.88 -10.24 33.36
CA LEU C 250 13.80 -9.16 33.66
C LEU C 250 15.04 -9.57 34.39
N GLY C 251 14.92 -10.33 35.45
CA GLY C 251 16.08 -10.74 36.21
C GLY C 251 17.09 -11.47 35.35
N ILE C 252 16.62 -12.23 34.36
CA ILE C 252 17.54 -12.93 33.47
C ILE C 252 18.43 -11.95 32.73
N MET C 253 17.82 -10.91 32.12
CA MET C 253 18.59 -9.91 31.40
C MET C 253 19.58 -9.23 32.33
N VAL C 254 19.09 -8.77 33.48
CA VAL C 254 19.95 -8.02 34.39
C VAL C 254 21.10 -8.89 34.87
N GLY C 255 20.82 -10.14 35.24
CA GLY C 255 21.86 -11.00 35.76
C GLY C 255 22.91 -11.36 34.71
N VAL C 256 22.46 -11.65 33.49
CA VAL C 256 23.43 -11.97 32.44
C VAL C 256 24.35 -10.79 32.20
N PHE C 257 23.78 -9.59 32.07
CA PHE C 257 24.62 -8.42 31.81
C PHE C 257 25.59 -8.17 32.97
N LEU C 258 25.11 -8.28 34.21
CA LEU C 258 25.99 -7.98 35.38
C LEU C 258 27.06 -9.05 35.57
N VAL C 259 26.74 -10.31 35.33
CA VAL C 259 27.75 -11.37 35.43
C VAL C 259 28.81 -11.16 34.35
N CYS C 260 28.38 -10.85 33.12
CA CYS C 260 29.36 -10.71 32.04
C CYS C 260 30.26 -9.51 32.26
N TRP C 261 29.74 -8.39 32.75
CA TRP C 261 30.55 -7.18 32.64
C TRP C 261 31.10 -6.63 33.95
N CYS C 262 30.67 -7.07 35.13
CA CYS C 262 31.25 -6.49 36.34
C CYS C 262 32.68 -6.89 36.68
N PRO C 263 33.04 -8.19 36.57
CA PRO C 263 34.39 -8.51 37.04
C PRO C 263 35.51 -7.82 36.26
N PHE C 264 35.39 -7.77 34.93
CA PHE C 264 36.46 -7.19 34.13
C PHE C 264 36.65 -5.72 34.46
N PHE C 265 35.58 -4.94 34.43
CA PHE C 265 35.73 -3.51 34.67
C PHE C 265 36.09 -3.24 36.12
N LEU C 266 35.63 -4.09 37.05
CA LEU C 266 36.03 -3.93 38.44
C LEU C 266 37.54 -4.12 38.60
N CYS C 267 38.09 -5.18 38.04
CA CYS C 267 39.54 -5.40 38.16
C CYS C 267 40.30 -4.30 37.43
N THR C 268 39.80 -3.86 36.28
CA THR C 268 40.49 -2.82 35.52
C THR C 268 40.57 -1.52 36.32
N VAL C 269 39.48 -1.13 36.98
CA VAL C 269 39.50 0.11 37.73
C VAL C 269 40.30 -0.06 39.03
N LEU C 270 40.34 -1.28 39.58
CA LEU C 270 41.04 -1.48 40.84
C LEU C 270 42.55 -1.58 40.65
N ASP C 271 42.99 -2.09 39.50
CA ASP C 271 44.40 -2.45 39.35
C ASP C 271 45.39 -1.29 39.55
N PRO C 272 45.16 -0.08 39.02
CA PRO C 272 46.11 1.00 39.32
C PRO C 272 46.24 1.29 40.81
N PHE C 273 45.16 1.15 41.57
CA PHE C 273 45.24 1.35 43.02
C PHE C 273 46.01 0.22 43.69
N LEU C 274 45.77 -1.03 43.27
CA LEU C 274 46.47 -2.17 43.84
C LEU C 274 47.95 -2.22 43.46
N GLY C 275 48.34 -1.54 42.39
CA GLY C 275 49.74 -1.52 42.00
C GLY C 275 50.14 -2.52 40.96
N TYR C 276 49.23 -2.90 40.05
CA TYR C 276 49.54 -3.80 38.94
C TYR C 276 50.10 -5.12 39.44
N VAL C 277 49.37 -5.77 40.35
CA VAL C 277 49.89 -6.98 40.98
C VAL C 277 49.23 -8.22 40.39
N ILE C 278 48.02 -8.09 39.84
CA ILE C 278 47.26 -9.28 39.42
C ILE C 278 47.95 -9.93 38.22
N PRO C 279 47.94 -11.26 38.11
CA PRO C 279 48.58 -11.89 36.96
C PRO C 279 47.76 -11.71 35.71
N PRO C 280 48.40 -11.81 34.54
CA PRO C 280 47.64 -11.67 33.28
C PRO C 280 46.66 -12.79 33.00
N SER C 281 46.78 -13.92 33.71
CA SER C 281 45.85 -15.02 33.49
C SER C 281 44.42 -14.62 33.85
N LEU C 282 44.25 -13.95 34.96
CA LEU C 282 42.91 -13.50 35.29
C LEU C 282 42.44 -12.45 34.27
N ASN C 283 43.33 -11.58 33.79
CA ASN C 283 42.95 -10.62 32.77
C ASN C 283 42.42 -11.32 31.53
N ASP C 284 43.11 -12.37 31.09
CA ASP C 284 42.65 -13.12 29.92
C ASP C 284 41.32 -13.82 30.19
N ALA C 285 41.16 -14.36 31.40
CA ALA C 285 39.88 -14.96 31.76
C ALA C 285 38.75 -13.93 31.67
N LEU C 286 39.01 -12.70 32.12
CA LEU C 286 37.98 -11.69 32.08
C LEU C 286 37.72 -11.19 30.65
N TYR C 287 38.75 -11.17 29.81
CA TYR C 287 38.49 -10.90 28.39
C TYR C 287 37.56 -11.94 27.80
N TRP C 288 37.80 -13.22 28.10
CA TRP C 288 36.90 -14.26 27.60
C TRP C 288 35.49 -14.09 28.15
N PHE C 289 35.38 -13.74 29.43
CA PHE C 289 34.07 -13.51 30.03
C PHE C 289 33.33 -12.39 29.33
N GLY C 290 34.04 -11.29 29.04
CA GLY C 290 33.42 -10.20 28.30
C GLY C 290 33.02 -10.59 26.89
N TYR C 291 33.82 -11.41 26.23
CA TYR C 291 33.47 -11.87 24.89
C TYR C 291 32.22 -12.75 24.93
N LEU C 292 32.03 -13.51 26.01
CA LEU C 292 30.85 -14.35 26.15
C LEU C 292 29.55 -13.55 26.00
N ASN C 293 29.59 -12.26 26.37
CA ASN C 293 28.40 -11.42 26.31
C ASN C 293 27.89 -11.30 24.89
N SER C 294 28.80 -11.17 23.92
CA SER C 294 28.40 -11.01 22.53
C SER C 294 27.62 -12.23 22.04
N ALA C 295 28.08 -13.42 22.42
CA ALA C 295 27.35 -14.63 22.04
C ALA C 295 25.99 -14.68 22.71
N LEU C 296 25.92 -14.27 23.99
CA LEU C 296 24.66 -14.41 24.71
C LEU C 296 23.63 -13.35 24.32
N ASN C 297 24.03 -12.22 23.74
CA ASN C 297 23.04 -11.20 23.41
C ASN C 297 21.92 -11.70 22.51
N PRO C 298 22.21 -12.33 21.32
CA PRO C 298 21.03 -12.70 20.51
C PRO C 298 20.06 -13.64 21.19
N MET C 299 20.50 -14.37 22.19
CA MET C 299 19.58 -15.21 22.92
C MET C 299 18.53 -14.49 23.73
N VAL C 300 18.97 -13.52 24.53
CA VAL C 300 18.06 -12.84 25.43
C VAL C 300 17.10 -11.87 24.71
N TYR C 301 17.57 -11.13 23.69
CA TYR C 301 16.74 -10.13 23.04
C TYR C 301 16.09 -10.57 21.73
N ALA C 302 16.37 -11.73 21.21
CA ALA C 302 15.80 -12.00 19.91
C ALA C 302 15.48 -13.40 19.79
N PHE C 303 15.48 -14.11 20.90
CA PHE C 303 15.06 -15.50 20.89
C PHE C 303 14.18 -15.98 22.04
N PHE C 304 13.65 -15.07 22.83
CA PHE C 304 12.75 -15.46 23.91
C PHE C 304 11.37 -15.03 23.49
N TYR C 305 11.20 -14.70 22.22
CA TYR C 305 9.94 -14.15 21.75
C TYR C 305 9.35 -14.99 20.65
N PRO C 306 8.07 -14.74 20.31
CA PRO C 306 7.49 -15.47 19.18
C PRO C 306 8.21 -15.21 17.88
N TRP C 307 8.62 -13.97 17.66
CA TRP C 307 9.39 -13.64 16.47
C TRP C 307 10.70 -14.36 16.60
N PHE C 308 11.17 -14.55 17.81
CA PHE C 308 12.38 -15.35 18.01
C PHE C 308 12.12 -16.82 17.58
N ARG C 309 10.94 -17.33 17.82
CA ARG C 309 10.64 -18.66 17.27
C ARG C 309 10.73 -18.55 15.71
N ARG C 310 10.20 -17.48 15.10
CA ARG C 310 10.35 -17.24 13.64
C ARG C 310 11.75 -16.74 13.07
N VAL D 39 -5.91 27.71 -18.35
CA VAL D 39 -4.53 27.51 -18.74
C VAL D 39 -4.02 28.72 -19.52
N GLN D 40 -3.20 29.54 -18.88
CA GLN D 40 -2.61 30.68 -19.57
C GLN D 40 -1.37 31.13 -18.81
N LEU D 41 -0.33 31.49 -19.55
CA LEU D 41 0.94 31.93 -18.98
C LEU D 41 1.27 33.30 -19.56
N VAL D 42 1.61 34.24 -18.69
CA VAL D 42 1.90 35.62 -19.10
C VAL D 42 3.30 35.97 -18.59
N GLU D 43 4.14 36.46 -19.49
CA GLU D 43 5.52 36.76 -19.18
C GLU D 43 5.70 38.27 -18.96
N SER D 44 6.62 38.61 -18.05
CA SER D 44 6.91 40.00 -17.74
C SER D 44 8.42 40.21 -17.73
N GLY D 45 8.83 41.45 -18.04
CA GLY D 45 10.24 41.79 -18.10
C GLY D 45 10.60 42.48 -19.39
N GLY D 46 11.80 42.21 -19.90
CA GLY D 46 12.20 42.72 -21.19
C GLY D 46 12.59 44.19 -21.16
N GLY D 47 12.90 44.69 -22.35
CA GLY D 47 13.33 46.06 -22.54
C GLY D 47 14.69 46.12 -23.22
N LEU D 48 15.23 47.34 -23.27
CA LEU D 48 16.54 47.59 -23.87
C LEU D 48 17.56 47.70 -22.75
N VAL D 49 18.63 46.91 -22.84
CA VAL D 49 19.65 46.84 -21.81
C VAL D 49 21.02 47.05 -22.44
N GLN D 50 21.85 47.87 -21.81
CA GLN D 50 23.23 48.01 -22.24
C GLN D 50 24.00 46.73 -21.95
N PRO D 51 25.06 46.46 -22.73
CA PRO D 51 25.85 45.24 -22.48
C PRO D 51 26.52 45.27 -21.11
N GLY D 52 26.67 44.08 -20.54
CA GLY D 52 27.28 43.94 -19.24
C GLY D 52 26.33 44.01 -18.06
N GLY D 53 25.05 44.30 -18.31
CA GLY D 53 24.08 44.43 -17.24
C GLY D 53 23.49 43.09 -16.83
N SER D 54 22.48 43.17 -15.98
CA SER D 54 21.76 41.99 -15.51
C SER D 54 20.26 42.27 -15.51
N ARG D 55 19.47 41.25 -15.86
CA ARG D 55 18.03 41.38 -15.90
C ARG D 55 17.38 40.11 -15.36
N LYS D 56 16.14 40.26 -14.90
CA LYS D 56 15.37 39.18 -14.29
C LYS D 56 14.05 39.07 -15.03
N LEU D 57 13.88 38.01 -15.81
CA LEU D 57 12.64 37.75 -16.53
C LEU D 57 11.72 36.87 -15.69
N SER D 58 10.42 37.04 -15.91
CA SER D 58 9.41 36.32 -15.14
C SER D 58 8.31 35.80 -16.05
N CYS D 59 7.85 34.58 -15.76
CA CYS D 59 6.69 33.97 -16.40
C CYS D 59 5.71 33.56 -15.32
N SER D 60 4.58 34.25 -15.26
CA SER D 60 3.57 34.03 -14.22
C SER D 60 2.53 33.04 -14.72
N ALA D 61 2.29 31.99 -13.93
CA ALA D 61 1.37 30.92 -14.30
C ALA D 61 0.09 31.05 -13.48
N SER D 62 -1.05 30.97 -14.18
CA SER D 62 -2.34 31.02 -13.52
C SER D 62 -3.35 30.25 -14.35
N GLY D 63 -4.02 29.29 -13.72
CA GLY D 63 -5.00 28.48 -14.40
C GLY D 63 -4.71 27.01 -14.47
N PHE D 64 -3.64 26.53 -13.82
CA PHE D 64 -3.37 25.10 -13.74
C PHE D 64 -2.50 24.84 -12.52
N ALA D 65 -2.04 23.61 -12.37
CA ALA D 65 -1.21 23.20 -11.24
C ALA D 65 0.26 23.43 -11.58
N PHE D 66 0.76 24.62 -11.21
CA PHE D 66 2.14 24.99 -11.51
C PHE D 66 3.16 24.12 -10.78
N SER D 67 2.73 23.38 -9.77
CA SER D 67 3.63 22.62 -8.93
C SER D 67 3.88 21.20 -9.45
N SER D 68 3.32 20.84 -10.59
CA SER D 68 3.45 19.49 -11.12
C SER D 68 4.04 19.44 -12.53
N PHE D 69 4.46 20.57 -13.07
CA PHE D 69 4.94 20.65 -14.44
C PHE D 69 6.40 21.07 -14.46
N GLY D 70 7.20 20.40 -15.27
CA GLY D 70 8.50 20.95 -15.61
C GLY D 70 8.35 22.21 -16.42
N MET D 71 9.38 23.06 -16.40
CA MET D 71 9.34 24.30 -17.15
C MET D 71 10.67 24.54 -17.87
N HIS D 72 10.57 25.09 -19.08
CA HIS D 72 11.73 25.41 -19.89
C HIS D 72 11.72 26.90 -20.22
N TRP D 73 12.77 27.34 -20.92
CA TRP D 73 12.81 28.63 -21.59
C TRP D 73 13.40 28.40 -22.97
N VAL D 74 12.76 28.95 -24.00
CA VAL D 74 13.19 28.73 -25.38
C VAL D 74 13.34 30.09 -26.06
N ARG D 75 14.44 30.27 -26.76
CA ARG D 75 14.80 31.54 -27.39
C ARG D 75 14.53 31.50 -28.89
N GLN D 76 14.18 32.65 -29.45
CA GLN D 76 14.00 32.79 -30.89
C GLN D 76 14.72 34.04 -31.37
N ALA D 77 15.79 33.85 -32.14
CA ALA D 77 16.44 34.98 -32.78
C ALA D 77 15.49 35.63 -33.78
N PRO D 78 15.62 36.93 -34.03
CA PRO D 78 14.62 37.62 -34.87
C PRO D 78 14.48 37.04 -36.26
N GLU D 79 15.54 36.53 -36.87
CA GLU D 79 15.49 36.01 -38.23
C GLU D 79 15.95 34.57 -38.31
N LYS D 80 15.89 33.82 -37.20
CA LYS D 80 16.34 32.45 -37.15
C LYS D 80 15.30 31.62 -36.40
N GLY D 81 15.50 30.30 -36.41
CA GLY D 81 14.64 29.39 -35.69
C GLY D 81 14.87 29.44 -34.19
N LEU D 82 14.17 28.56 -33.50
CA LEU D 82 14.18 28.55 -32.04
C LEU D 82 15.50 27.99 -31.52
N GLU D 83 15.74 28.18 -30.22
CA GLU D 83 16.95 27.67 -29.58
C GLU D 83 16.69 27.51 -28.09
N TRP D 84 17.14 26.39 -27.54
CA TRP D 84 16.92 26.06 -26.14
C TRP D 84 17.75 26.95 -25.22
N VAL D 85 17.28 27.13 -23.98
CA VAL D 85 17.95 28.02 -23.05
C VAL D 85 18.23 27.35 -21.70
N ALA D 86 17.21 26.81 -21.05
CA ALA D 86 17.36 26.31 -19.69
C ALA D 86 16.32 25.22 -19.45
N TYR D 87 16.23 24.76 -18.20
CA TYR D 87 15.27 23.75 -17.79
C TYR D 87 15.32 23.60 -16.27
N ILE D 88 14.15 23.49 -15.64
CA ILE D 88 14.05 23.20 -14.21
C ILE D 88 12.84 22.28 -13.99
N SER D 89 13.04 21.22 -13.23
CA SER D 89 12.02 20.19 -13.11
C SER D 89 10.99 20.57 -12.06
N SER D 90 10.12 19.62 -11.71
CA SER D 90 8.98 19.92 -10.84
C SER D 90 9.41 20.17 -9.40
N GLY D 91 10.27 19.31 -8.86
CA GLY D 91 10.75 19.42 -7.51
C GLY D 91 12.02 20.22 -7.34
N SER D 92 12.45 20.94 -8.37
CA SER D 92 13.68 21.73 -8.35
C SER D 92 14.90 20.87 -8.05
N GLY D 93 14.84 19.59 -8.41
CA GLY D 93 15.94 18.68 -8.12
C GLY D 93 16.92 18.51 -9.25
N THR D 94 16.55 18.97 -10.45
CA THR D 94 17.38 18.81 -11.63
C THR D 94 17.35 20.09 -12.44
N ILE D 95 18.52 20.58 -12.83
CA ILE D 95 18.63 21.78 -13.66
C ILE D 95 19.69 21.54 -14.72
N TYR D 96 19.39 21.92 -15.96
CA TYR D 96 20.33 21.84 -17.06
C TYR D 96 20.44 23.20 -17.71
N TYR D 97 21.54 23.43 -18.43
CA TYR D 97 21.74 24.67 -19.15
C TYR D 97 22.29 24.37 -20.54
N ALA D 98 22.00 25.26 -21.48
CA ALA D 98 22.59 25.15 -22.80
C ALA D 98 24.07 25.49 -22.73
N ASP D 99 24.85 24.86 -23.60
CA ASP D 99 26.29 25.06 -23.57
C ASP D 99 26.70 26.49 -23.89
N THR D 100 25.85 27.23 -24.61
CA THR D 100 26.21 28.59 -25.00
C THR D 100 26.42 29.48 -23.79
N VAL D 101 25.49 29.45 -22.84
CA VAL D 101 25.61 30.20 -21.60
C VAL D 101 25.31 29.26 -20.44
N LYS D 102 26.27 29.09 -19.55
CA LYS D 102 26.11 28.23 -18.39
C LYS D 102 26.47 28.91 -17.09
N GLY D 103 27.48 29.79 -17.09
CA GLY D 103 27.85 30.53 -15.91
C GLY D 103 27.22 31.89 -15.79
N ARG D 104 26.48 32.32 -16.81
CA ARG D 104 25.86 33.64 -16.80
C ARG D 104 24.38 33.61 -16.50
N PHE D 105 23.69 32.52 -16.81
CA PHE D 105 22.25 32.42 -16.59
C PHE D 105 21.97 31.49 -15.41
N THR D 106 20.90 31.78 -14.69
CA THR D 106 20.41 30.90 -13.64
C THR D 106 18.89 30.92 -13.62
N ILE D 107 18.30 29.79 -13.22
CA ILE D 107 16.86 29.60 -13.27
C ILE D 107 16.37 29.13 -11.92
N SER D 108 15.19 29.60 -11.52
CA SER D 108 14.60 29.23 -10.24
C SER D 108 13.09 29.37 -10.33
N ARG D 109 12.40 28.74 -9.38
CA ARG D 109 10.94 28.73 -9.35
C ARG D 109 10.46 29.01 -7.94
N ASP D 110 9.24 29.53 -7.83
CA ASP D 110 8.61 29.82 -6.54
C ASP D 110 7.20 29.23 -6.55
N ASP D 111 7.06 28.02 -5.99
CA ASP D 111 5.79 27.31 -6.08
C ASP D 111 4.62 28.02 -5.41
N PRO D 112 4.74 28.54 -4.18
CA PRO D 112 3.54 29.09 -3.52
C PRO D 112 2.88 30.23 -4.29
N LYS D 113 3.64 31.06 -4.98
CA LYS D 113 3.08 32.19 -5.70
C LYS D 113 2.90 31.95 -7.19
N ASN D 114 3.29 30.76 -7.68
CA ASN D 114 3.16 30.40 -9.10
C ASN D 114 3.86 31.44 -9.99
N THR D 115 5.19 31.51 -9.86
CA THR D 115 5.99 32.43 -10.65
C THR D 115 7.33 31.78 -10.98
N LEU D 116 7.75 31.92 -12.23
CA LEU D 116 8.99 31.36 -12.72
C LEU D 116 9.96 32.48 -13.09
N PHE D 117 11.23 32.32 -12.69
CA PHE D 117 12.22 33.37 -12.82
C PHE D 117 13.41 32.89 -13.66
N LEU D 118 13.98 33.82 -14.42
CA LEU D 118 15.28 33.64 -15.07
C LEU D 118 16.12 34.85 -14.76
N GLN D 119 17.31 34.62 -14.20
CA GLN D 119 18.26 35.68 -13.91
C GLN D 119 19.47 35.54 -14.80
N MET D 120 19.83 36.62 -15.48
CA MET D 120 20.92 36.62 -16.44
C MET D 120 21.90 37.75 -16.13
N THR D 121 23.18 37.50 -16.40
CA THR D 121 24.24 38.43 -16.08
C THR D 121 25.22 38.54 -17.24
N SER D 122 25.89 39.68 -17.32
CA SER D 122 26.92 39.94 -18.32
C SER D 122 26.38 39.74 -19.73
N LEU D 123 25.42 40.61 -20.09
CA LEU D 123 24.73 40.48 -21.37
C LEU D 123 25.66 40.82 -22.51
N ARG D 124 25.88 39.84 -23.41
CA ARG D 124 26.64 40.07 -24.62
C ARG D 124 25.71 40.64 -25.69
N SER D 125 26.17 40.67 -26.93
CA SER D 125 25.36 41.14 -28.04
C SER D 125 24.51 40.05 -28.68
N GLU D 126 24.64 38.81 -28.22
CA GLU D 126 23.86 37.71 -28.77
C GLU D 126 22.51 37.55 -28.10
N ASP D 127 22.39 37.96 -26.83
CA ASP D 127 21.12 37.85 -26.10
C ASP D 127 20.24 39.06 -26.43
N THR D 128 19.68 39.03 -27.63
CA THR D 128 18.85 40.12 -28.14
C THR D 128 17.61 39.57 -28.84
N ALA D 129 17.04 38.49 -28.30
CA ALA D 129 16.02 37.73 -29.00
C ALA D 129 14.75 37.63 -28.15
N MET D 130 13.78 36.87 -28.68
CA MET D 130 12.53 36.58 -27.99
C MET D 130 12.70 35.40 -27.06
N TYR D 131 11.99 35.44 -25.93
CA TYR D 131 12.03 34.39 -24.93
C TYR D 131 10.62 33.89 -24.66
N TYR D 132 10.46 32.57 -24.63
CA TYR D 132 9.18 31.94 -24.38
C TYR D 132 9.31 30.97 -23.21
N CYS D 133 8.29 30.91 -22.36
CA CYS D 133 8.22 29.96 -21.27
C CYS D 133 7.25 28.84 -21.65
N VAL D 134 7.71 27.60 -21.53
CA VAL D 134 7.05 26.44 -22.12
C VAL D 134 6.75 25.42 -21.03
N ARG D 135 5.54 24.88 -21.05
CA ARG D 135 5.12 23.89 -20.09
C ARG D 135 5.59 22.50 -20.54
N SER D 136 5.71 21.58 -19.58
CA SER D 136 6.09 20.21 -19.89
C SER D 136 5.85 19.26 -18.72
N ILE D 137 5.20 18.12 -18.97
CA ILE D 137 4.92 17.14 -17.94
C ILE D 137 5.32 15.76 -18.45
N TYR D 138 6.07 15.02 -17.65
CA TYR D 138 6.67 13.75 -18.08
C TYR D 138 6.13 12.60 -17.25
N TYR D 139 5.30 11.77 -17.88
CA TYR D 139 4.95 10.45 -17.36
C TYR D 139 4.50 9.62 -18.55
N TYR D 140 4.31 8.33 -18.32
CA TYR D 140 4.00 7.43 -19.43
C TYR D 140 2.75 7.86 -20.19
N GLY D 141 2.92 8.32 -21.42
CA GLY D 141 1.80 8.69 -22.26
C GLY D 141 1.48 10.17 -22.31
N SER D 142 2.29 11.02 -21.68
CA SER D 142 2.01 12.44 -21.67
C SER D 142 2.56 13.11 -22.92
N SER D 143 2.20 14.38 -23.09
CA SER D 143 2.58 15.17 -24.26
C SER D 143 3.36 16.40 -23.81
N PRO D 144 4.69 16.34 -23.78
CA PRO D 144 5.48 17.50 -23.37
C PRO D 144 5.43 18.62 -24.39
N PHE D 145 5.81 19.81 -23.93
CA PHE D 145 5.91 21.01 -24.77
C PHE D 145 4.56 21.41 -25.36
N ASP D 146 3.46 21.05 -24.71
CA ASP D 146 2.15 21.23 -25.32
C ASP D 146 1.70 22.67 -25.32
N PHE D 147 1.89 23.40 -24.22
CA PHE D 147 1.40 24.77 -24.12
C PHE D 147 2.59 25.73 -24.04
N TRP D 148 2.53 26.77 -24.86
CA TRP D 148 3.57 27.78 -24.94
C TRP D 148 3.05 29.12 -24.44
N GLY D 149 3.95 29.94 -23.93
CA GLY D 149 3.59 31.26 -23.44
C GLY D 149 3.27 32.21 -24.57
N GLN D 150 3.43 33.51 -24.29
CA GLN D 150 3.21 34.54 -25.29
C GLN D 150 4.48 35.25 -25.75
N GLY D 151 5.54 35.21 -24.95
CA GLY D 151 6.82 35.76 -25.36
C GLY D 151 7.08 37.13 -24.78
N THR D 152 8.36 37.49 -24.72
CA THR D 152 8.79 38.82 -24.33
C THR D 152 10.01 39.20 -25.14
N THR D 153 10.15 40.49 -25.42
CA THR D 153 11.22 41.01 -26.24
C THR D 153 12.35 41.57 -25.38
N LEU D 154 13.56 41.51 -25.92
CA LEU D 154 14.74 42.01 -25.22
C LEU D 154 15.77 42.42 -26.26
N THR D 155 16.33 43.61 -26.09
CA THR D 155 17.28 44.17 -27.04
C THR D 155 18.54 44.61 -26.30
N VAL D 156 19.70 44.31 -26.89
CA VAL D 156 20.98 44.70 -26.33
C VAL D 156 21.65 45.66 -27.32
N SER D 157 21.97 46.86 -26.85
CA SER D 157 22.57 47.87 -27.71
C SER D 157 24.03 47.55 -27.99
N SER D 173 29.14 20.51 -30.80
CA SER D 173 30.20 19.51 -30.72
C SER D 173 29.64 18.11 -30.92
N ALA D 174 29.43 17.40 -29.81
CA ALA D 174 28.91 16.04 -29.84
C ALA D 174 27.38 15.99 -29.86
N ASP D 175 26.71 17.14 -29.80
CA ASP D 175 25.26 17.16 -29.80
C ASP D 175 24.70 16.83 -31.19
N ILE D 176 23.45 16.39 -31.21
CA ILE D 176 22.83 15.92 -32.45
C ILE D 176 22.51 17.10 -33.34
N VAL D 177 22.84 16.97 -34.63
CA VAL D 177 22.60 18.01 -35.62
C VAL D 177 21.34 17.67 -36.39
N MET D 178 20.39 18.60 -36.42
CA MET D 178 19.12 18.43 -37.13
C MET D 178 19.08 19.43 -38.26
N THR D 179 18.81 18.94 -39.48
CA THR D 179 18.75 19.78 -40.65
C THR D 179 17.48 19.49 -41.43
N GLN D 180 16.98 20.52 -42.12
CA GLN D 180 15.81 20.41 -42.97
C GLN D 180 16.22 20.61 -44.42
N ALA D 181 15.57 19.87 -45.32
CA ALA D 181 16.01 19.82 -46.71
C ALA D 181 15.91 21.20 -47.37
N THR D 182 14.82 21.92 -47.12
CA THR D 182 14.61 23.20 -47.79
C THR D 182 14.32 24.31 -46.79
N SER D 183 13.93 25.48 -47.30
CA SER D 183 13.51 26.59 -46.48
C SER D 183 12.24 27.27 -46.97
N SER D 184 11.69 26.85 -48.10
CA SER D 184 10.43 27.40 -48.60
C SER D 184 9.83 26.40 -49.58
N VAL D 185 8.54 26.57 -49.86
CA VAL D 185 7.85 25.75 -50.85
C VAL D 185 6.56 26.46 -51.30
N PRO D 186 6.37 26.66 -52.60
CA PRO D 186 5.10 27.23 -53.07
C PRO D 186 4.08 26.15 -53.40
N VAL D 187 2.84 26.34 -52.96
CA VAL D 187 1.78 25.35 -53.14
C VAL D 187 0.47 26.08 -53.43
N THR D 188 -0.60 25.29 -53.57
CA THR D 188 -1.94 25.77 -53.84
C THR D 188 -2.90 25.12 -52.85
N PRO D 189 -3.92 25.85 -52.38
CA PRO D 189 -4.89 25.24 -51.47
C PRO D 189 -5.62 24.08 -52.13
N GLY D 190 -5.87 23.02 -51.35
CA GLY D 190 -6.68 21.92 -51.80
C GLY D 190 -5.94 20.64 -52.14
N GLU D 191 -4.62 20.60 -51.99
CA GLU D 191 -3.88 19.37 -52.25
C GLU D 191 -2.83 19.13 -51.18
N SER D 192 -2.28 17.93 -51.17
CA SER D 192 -1.36 17.52 -50.13
C SER D 192 0.02 18.14 -50.32
N VAL D 193 0.74 18.26 -49.20
CA VAL D 193 2.11 18.77 -49.20
C VAL D 193 2.93 17.86 -48.30
N SER D 194 4.25 17.93 -48.45
CA SER D 194 5.17 17.13 -47.64
C SER D 194 6.37 17.97 -47.22
N ILE D 195 6.84 17.74 -46.00
CA ILE D 195 8.01 18.41 -45.45
C ILE D 195 8.95 17.34 -44.92
N SER D 196 10.23 17.45 -45.25
CA SER D 196 11.23 16.46 -44.91
C SER D 196 12.21 16.99 -43.88
N CYS D 197 12.57 16.14 -42.93
CA CYS D 197 13.55 16.47 -41.89
C CYS D 197 14.61 15.39 -41.85
N ARG D 198 15.86 15.80 -41.64
CA ARG D 198 17.00 14.89 -41.65
C ARG D 198 17.74 14.96 -40.32
N SER D 199 18.17 13.81 -39.82
CA SER D 199 18.88 13.72 -38.56
C SER D 199 20.30 13.23 -38.78
N SER D 200 21.19 13.61 -37.86
CA SER D 200 22.58 13.20 -37.90
C SER D 200 22.90 11.99 -37.03
N LYS D 201 21.91 11.46 -36.30
CA LYS D 201 22.09 10.29 -35.47
C LYS D 201 20.74 9.61 -35.32
N SER D 202 20.77 8.32 -35.02
CA SER D 202 19.53 7.57 -34.84
C SER D 202 18.80 8.04 -33.58
N LEU D 203 17.62 8.62 -33.76
CA LEU D 203 16.79 9.05 -32.63
C LEU D 203 16.04 7.90 -31.98
N LEU D 204 15.92 6.75 -32.64
CA LEU D 204 15.23 5.62 -32.05
C LEU D 204 16.00 5.09 -30.85
N HIS D 205 15.27 4.83 -29.77
CA HIS D 205 15.86 4.36 -28.52
C HIS D 205 15.61 2.87 -28.33
N SER D 206 16.27 2.31 -27.32
CA SER D 206 16.16 0.87 -27.07
C SER D 206 14.74 0.48 -26.70
N ASN D 207 14.05 1.33 -25.94
CA ASN D 207 12.69 1.00 -25.50
C ASN D 207 11.74 0.88 -26.68
N GLY D 208 11.86 1.77 -27.66
CA GLY D 208 11.04 1.69 -28.85
C GLY D 208 10.46 3.02 -29.29
N ASN D 209 10.65 4.05 -28.48
CA ASN D 209 10.17 5.38 -28.81
C ASN D 209 11.09 6.03 -29.82
N THR D 210 10.53 6.96 -30.59
CA THR D 210 11.29 7.79 -31.51
C THR D 210 10.95 9.25 -31.19
N TYR D 211 11.91 9.97 -30.64
CA TYR D 211 11.66 11.30 -30.08
C TYR D 211 11.81 12.35 -31.16
N LEU D 212 10.69 12.73 -31.78
CA LEU D 212 10.66 13.81 -32.76
C LEU D 212 9.37 14.61 -32.60
N TYR D 213 9.47 15.93 -32.75
CA TYR D 213 8.35 16.83 -32.51
C TYR D 213 8.21 17.80 -33.67
N TRP D 214 6.99 18.27 -33.89
CA TRP D 214 6.68 19.27 -34.92
C TRP D 214 5.83 20.36 -34.28
N PHE D 215 6.12 21.62 -34.62
CA PHE D 215 5.51 22.72 -33.87
C PHE D 215 4.65 23.67 -34.70
N LEU D 216 5.08 24.06 -35.89
CA LEU D 216 4.26 24.84 -36.80
C LEU D 216 3.80 26.16 -36.16
N GLN D 217 4.78 27.05 -35.96
CA GLN D 217 4.48 28.40 -35.50
C GLN D 217 3.74 29.20 -36.56
N ARG D 218 2.51 29.62 -36.25
CA ARG D 218 1.73 30.44 -37.17
C ARG D 218 2.39 31.81 -37.31
N PRO D 219 2.30 32.44 -38.49
CA PRO D 219 3.00 33.72 -38.69
C PRO D 219 2.36 34.90 -37.97
N GLY D 220 2.75 35.12 -36.72
CA GLY D 220 2.26 36.25 -35.96
C GLY D 220 2.03 35.98 -34.50
N GLN D 221 2.05 34.71 -34.10
CA GLN D 221 1.72 34.32 -32.74
C GLN D 221 2.66 33.21 -32.26
N SER D 222 2.38 32.70 -31.07
CA SER D 222 3.25 31.74 -30.41
C SER D 222 3.16 30.37 -31.09
N PRO D 223 4.20 29.55 -30.95
CA PRO D 223 4.16 28.20 -31.54
C PRO D 223 3.16 27.30 -30.81
N GLN D 224 2.77 26.25 -31.51
CA GLN D 224 1.88 25.22 -30.98
C GLN D 224 2.58 23.86 -31.07
N LEU D 225 1.83 22.81 -30.76
CA LEU D 225 2.30 21.44 -30.90
C LEU D 225 1.39 20.71 -31.87
N LEU D 226 1.99 19.94 -32.77
CA LEU D 226 1.22 19.14 -33.73
C LEU D 226 1.44 17.65 -33.53
N ILE D 227 2.68 17.16 -33.60
CA ILE D 227 2.99 15.75 -33.50
C ILE D 227 4.11 15.57 -32.49
N TYR D 228 3.90 14.72 -31.49
CA TYR D 228 4.92 14.40 -30.52
C TYR D 228 5.32 12.94 -30.63
N ARG D 229 6.63 12.70 -30.61
CA ARG D 229 7.22 11.38 -30.77
C ARG D 229 6.94 10.77 -32.14
N MET D 230 6.85 11.65 -33.15
CA MET D 230 6.97 11.31 -34.56
C MET D 230 5.74 10.62 -35.13
N SER D 231 4.83 10.19 -34.28
CA SER D 231 3.66 9.48 -34.80
C SER D 231 2.36 9.96 -34.16
N ASN D 232 2.44 10.44 -32.93
CA ASN D 232 1.25 10.74 -32.15
C ASN D 232 0.78 12.17 -32.40
N LEU D 233 -0.52 12.38 -32.30
CA LEU D 233 -1.15 13.65 -32.62
C LEU D 233 -1.50 14.40 -31.35
N ALA D 234 -1.55 15.73 -31.45
CA ALA D 234 -1.92 16.57 -30.33
C ALA D 234 -3.42 16.48 -30.10
N SER D 235 -3.94 17.32 -29.20
CA SER D 235 -5.35 17.26 -28.83
C SER D 235 -6.24 18.08 -29.76
N GLY D 236 -5.98 19.38 -29.86
CA GLY D 236 -6.86 20.27 -30.57
C GLY D 236 -6.56 20.48 -32.04
N VAL D 237 -5.59 19.77 -32.60
CA VAL D 237 -5.22 19.97 -34.00
C VAL D 237 -6.19 19.22 -34.91
N PRO D 238 -6.59 19.81 -36.04
CA PRO D 238 -7.47 19.09 -36.97
C PRO D 238 -6.81 17.83 -37.48
N ASP D 239 -7.65 16.81 -37.75
CA ASP D 239 -7.16 15.49 -38.13
C ASP D 239 -6.89 15.44 -39.63
N ARG D 240 -5.88 16.20 -40.05
CA ARG D 240 -5.37 16.09 -41.41
C ARG D 240 -3.84 16.15 -41.42
N PHE D 241 -3.19 15.95 -40.28
CA PHE D 241 -1.75 15.91 -40.16
C PHE D 241 -1.30 14.50 -39.81
N SER D 242 -0.14 14.11 -40.32
CA SER D 242 0.40 12.79 -40.04
C SER D 242 1.91 12.85 -40.06
N GLY D 243 2.53 11.84 -39.47
CA GLY D 243 3.98 11.77 -39.42
C GLY D 243 4.46 10.35 -39.55
N SER D 244 5.65 10.21 -40.14
CA SER D 244 6.26 8.90 -40.34
C SER D 244 7.77 9.07 -40.40
N GLY D 245 8.48 7.97 -40.22
CA GLY D 245 9.93 8.02 -40.22
C GLY D 245 10.51 6.62 -40.19
N SER D 246 11.83 6.56 -40.35
CA SER D 246 12.55 5.30 -40.40
C SER D 246 13.70 5.21 -39.41
N GLY D 247 14.10 6.31 -38.78
CA GLY D 247 15.19 6.26 -37.83
C GLY D 247 16.17 7.40 -38.02
N THR D 248 16.34 7.86 -39.26
CA THR D 248 17.22 8.98 -39.56
C THR D 248 16.53 10.02 -40.42
N ALA D 249 15.55 9.60 -41.22
CA ALA D 249 14.81 10.48 -42.11
C ALA D 249 13.35 10.53 -41.70
N PHE D 250 12.78 11.74 -41.67
CA PHE D 250 11.42 11.95 -41.22
C PHE D 250 10.68 12.83 -42.22
N THR D 251 9.37 12.59 -42.35
CA THR D 251 8.53 13.34 -43.27
C THR D 251 7.22 13.69 -42.58
N LEU D 252 6.72 14.89 -42.86
CA LEU D 252 5.42 15.35 -42.39
C LEU D 252 4.51 15.60 -43.57
N THR D 253 3.30 15.03 -43.53
CA THR D 253 2.34 15.14 -44.61
C THR D 253 1.07 15.81 -44.12
N ILE D 254 0.53 16.72 -44.92
CA ILE D 254 -0.76 17.35 -44.68
C ILE D 254 -1.67 16.97 -45.83
N SER D 255 -2.81 16.36 -45.53
CA SER D 255 -3.67 15.81 -46.58
C SER D 255 -4.35 16.92 -47.36
N ARG D 256 -5.19 17.71 -46.69
CA ARG D 256 -5.85 18.83 -47.33
C ARG D 256 -5.00 20.08 -47.12
N LEU D 257 -5.57 21.26 -47.39
CA LEU D 257 -4.87 22.50 -47.08
C LEU D 257 -5.88 23.64 -47.05
N GLU D 258 -5.80 24.46 -46.00
CA GLU D 258 -6.69 25.61 -45.87
C GLU D 258 -5.89 26.87 -45.60
N ALA D 259 -6.58 27.96 -45.26
CA ALA D 259 -5.91 29.23 -45.00
C ALA D 259 -5.20 29.28 -43.66
N GLU D 260 -5.44 28.31 -42.77
CA GLU D 260 -4.82 28.30 -41.46
C GLU D 260 -3.52 27.50 -41.43
N ASP D 261 -3.15 26.84 -42.51
CA ASP D 261 -1.97 25.98 -42.54
C ASP D 261 -0.70 26.73 -42.90
N VAL D 262 -0.78 28.00 -43.26
CA VAL D 262 0.41 28.76 -43.62
C VAL D 262 1.18 29.14 -42.37
N GLY D 263 2.49 29.07 -42.45
CA GLY D 263 3.35 29.34 -41.32
C GLY D 263 4.70 28.70 -41.54
N VAL D 264 5.42 28.50 -40.43
CA VAL D 264 6.76 27.90 -40.45
C VAL D 264 6.75 26.67 -39.55
N TYR D 265 7.28 25.57 -40.07
CA TYR D 265 7.27 24.28 -39.38
C TYR D 265 8.66 23.98 -38.84
N TYR D 266 8.72 23.52 -37.59
CA TYR D 266 9.98 23.30 -36.88
C TYR D 266 10.14 21.82 -36.53
N CYS D 267 11.40 21.40 -36.43
CA CYS D 267 11.76 20.01 -36.26
C CYS D 267 12.66 19.89 -35.03
N MET D 268 12.12 19.40 -33.92
CA MET D 268 12.86 19.32 -32.67
C MET D 268 13.11 17.88 -32.28
N GLN D 269 14.23 17.64 -31.62
CA GLN D 269 14.58 16.34 -31.09
C GLN D 269 14.67 16.43 -29.58
N HIS D 270 14.45 15.29 -28.92
CA HIS D 270 14.43 15.26 -27.46
C HIS D 270 15.12 14.01 -26.91
N LEU D 271 16.16 13.55 -27.60
CA LEU D 271 16.89 12.36 -27.15
C LEU D 271 17.87 12.70 -26.03
N GLU D 272 18.56 13.84 -26.08
CA GLU D 272 19.56 14.22 -25.08
C GLU D 272 19.49 15.67 -24.76
N TYR D 273 19.93 16.07 -23.57
CA TYR D 273 19.81 17.47 -23.11
C TYR D 273 20.08 18.60 -24.14
N PRO D 274 21.26 18.60 -24.83
CA PRO D 274 21.40 19.71 -25.79
C PRO D 274 20.26 19.54 -26.76
N LEU D 275 19.49 20.58 -26.96
CA LEU D 275 18.34 20.47 -27.84
C LEU D 275 18.67 21.29 -29.06
N THR D 276 18.68 20.63 -30.21
CA THR D 276 19.00 21.33 -31.43
C THR D 276 17.72 21.48 -32.20
N PHE D 277 17.36 22.73 -32.48
CA PHE D 277 16.15 22.96 -33.24
C PHE D 277 16.51 22.97 -34.70
N GLY D 278 15.51 22.91 -35.55
CA GLY D 278 15.72 22.93 -36.97
C GLY D 278 15.89 24.34 -37.50
N ALA D 279 15.65 24.49 -38.81
CA ALA D 279 15.75 25.78 -39.46
C ALA D 279 14.39 26.37 -39.83
N GLY D 280 13.45 25.55 -40.29
CA GLY D 280 12.13 26.03 -40.64
C GLY D 280 11.88 26.14 -42.12
N THR D 281 10.73 25.63 -42.58
CA THR D 281 10.32 25.71 -43.98
C THR D 281 9.01 26.48 -44.05
N LYS D 282 9.07 27.72 -44.53
CA LYS D 282 7.88 28.55 -44.59
C LYS D 282 6.99 28.13 -45.76
N LEU D 283 5.69 28.14 -45.53
CA LEU D 283 4.70 27.90 -46.58
C LEU D 283 4.09 29.23 -46.97
N GLU D 284 4.26 29.62 -48.23
CA GLU D 284 3.83 30.92 -48.73
C GLU D 284 2.61 30.75 -49.61
N LEU D 285 1.52 31.43 -49.26
CA LEU D 285 0.32 31.43 -50.07
C LEU D 285 -0.15 32.86 -50.34
N SER E 8 -49.04 -10.07 -0.18
CA SER E 8 -48.22 -11.18 -0.63
C SER E 8 -48.68 -11.76 -1.97
N ILE E 9 -49.97 -11.72 -2.28
CA ILE E 9 -50.53 -12.23 -3.51
C ILE E 9 -49.97 -11.42 -4.67
N ALA E 10 -49.85 -10.10 -4.51
CA ALA E 10 -49.25 -9.26 -5.54
C ALA E 10 -47.80 -9.67 -5.69
N GLN E 11 -47.13 -9.87 -4.53
CA GLN E 11 -45.73 -10.32 -4.67
C GLN E 11 -45.63 -11.69 -5.40
N ALA E 12 -46.55 -12.58 -5.07
CA ALA E 12 -46.62 -13.93 -5.61
C ALA E 12 -46.92 -13.89 -7.08
N ARG E 13 -47.76 -12.96 -7.51
CA ARG E 13 -48.13 -12.82 -8.90
C ARG E 13 -46.88 -12.45 -9.65
N LYS E 14 -46.09 -11.50 -9.12
CA LYS E 14 -44.84 -11.18 -9.82
C LYS E 14 -43.93 -12.42 -9.89
N LEU E 15 -43.84 -13.13 -8.78
CA LEU E 15 -42.99 -14.30 -8.76
C LEU E 15 -43.43 -15.35 -9.77
N VAL E 16 -44.74 -15.62 -9.86
CA VAL E 16 -45.22 -16.64 -10.78
C VAL E 16 -45.00 -16.22 -12.22
N GLU E 17 -45.16 -14.92 -12.48
CA GLU E 17 -44.93 -14.41 -13.81
C GLU E 17 -43.47 -14.67 -14.20
N GLN E 18 -42.53 -14.46 -13.29
CA GLN E 18 -41.15 -14.76 -13.64
C GLN E 18 -40.90 -16.20 -14.10
N LEU E 19 -41.29 -17.16 -13.27
CA LEU E 19 -41.08 -18.59 -13.52
C LEU E 19 -41.60 -18.99 -14.89
N LYS E 20 -42.77 -18.47 -15.29
CA LYS E 20 -43.32 -18.78 -16.60
C LYS E 20 -42.40 -18.29 -17.71
N MET E 21 -41.88 -17.06 -17.59
CA MET E 21 -41.00 -16.52 -18.60
C MET E 21 -39.69 -17.28 -18.69
N GLU E 22 -39.15 -17.69 -17.54
CA GLU E 22 -37.90 -18.44 -17.54
C GLU E 22 -38.09 -19.89 -17.98
N ALA E 23 -39.32 -20.42 -17.91
CA ALA E 23 -39.54 -21.82 -18.26
C ALA E 23 -39.31 -22.08 -19.74
N ASN E 24 -39.74 -21.16 -20.61
CA ASN E 24 -39.66 -21.36 -22.05
C ASN E 24 -38.36 -20.79 -22.59
N ILE E 25 -37.30 -21.60 -22.50
CA ILE E 25 -36.00 -21.28 -23.08
C ILE E 25 -35.53 -22.48 -23.88
N ASP E 26 -35.03 -22.22 -25.08
CA ASP E 26 -34.51 -23.30 -25.92
C ASP E 26 -33.22 -23.85 -25.32
N ARG E 27 -33.06 -25.17 -25.39
CA ARG E 27 -31.91 -25.84 -24.81
C ARG E 27 -31.36 -26.86 -25.80
N ILE E 28 -30.08 -27.19 -25.64
CA ILE E 28 -29.37 -28.08 -26.53
C ILE E 28 -28.83 -29.25 -25.72
N LYS E 29 -28.16 -30.17 -26.41
CA LYS E 29 -27.54 -31.31 -25.76
C LYS E 29 -26.25 -30.90 -25.07
N VAL E 30 -25.92 -31.60 -23.99
CA VAL E 30 -24.70 -31.29 -23.24
C VAL E 30 -23.46 -31.63 -24.06
N SER E 31 -23.52 -32.69 -24.87
CA SER E 31 -22.34 -33.10 -25.63
C SER E 31 -21.91 -32.01 -26.61
N LYS E 32 -22.86 -31.41 -27.31
CA LYS E 32 -22.52 -30.33 -28.24
C LYS E 32 -22.07 -29.08 -27.49
N ALA E 33 -22.68 -28.79 -26.35
CA ALA E 33 -22.28 -27.64 -25.56
C ALA E 33 -20.91 -27.83 -24.91
N ALA E 34 -20.42 -29.06 -24.84
CA ALA E 34 -19.10 -29.36 -24.29
C ALA E 34 -18.04 -29.55 -25.36
N ALA E 35 -18.38 -29.37 -26.64
CA ALA E 35 -17.42 -29.51 -27.72
C ALA E 35 -16.90 -28.17 -28.22
N ASP E 36 -17.75 -27.14 -28.25
CA ASP E 36 -17.29 -25.82 -28.65
C ASP E 36 -16.29 -25.26 -27.67
N LEU E 37 -16.38 -25.64 -26.40
CA LEU E 37 -15.38 -25.22 -25.42
C LEU E 37 -14.01 -25.75 -25.79
N MET E 38 -13.92 -27.05 -26.09
CA MET E 38 -12.66 -27.63 -26.51
C MET E 38 -12.19 -27.09 -27.86
N ALA E 39 -13.13 -26.79 -28.75
CA ALA E 39 -12.76 -26.21 -30.04
C ALA E 39 -12.11 -24.84 -29.86
N TYR E 40 -12.70 -23.99 -29.01
CA TYR E 40 -12.10 -22.69 -28.73
C TYR E 40 -10.79 -22.83 -27.99
N CYS E 41 -10.66 -23.85 -27.14
CA CYS E 41 -9.39 -24.08 -26.46
C CYS E 41 -8.29 -24.46 -27.44
N GLU E 42 -8.62 -25.29 -28.43
CA GLU E 42 -7.64 -25.74 -29.40
C GLU E 42 -7.30 -24.69 -30.46
N ALA E 43 -8.29 -23.96 -30.95
CA ALA E 43 -8.05 -23.00 -32.02
C ALA E 43 -7.34 -21.74 -31.56
N HIS E 44 -7.11 -21.59 -30.26
CA HIS E 44 -6.42 -20.43 -29.73
C HIS E 44 -5.39 -20.81 -28.68
N ALA E 45 -4.90 -22.05 -28.74
CA ALA E 45 -3.88 -22.49 -27.79
C ALA E 45 -2.52 -21.90 -28.10
N LYS E 46 -2.25 -21.61 -29.37
CA LYS E 46 -0.95 -21.06 -29.74
C LYS E 46 -0.78 -19.60 -29.32
N GLU E 47 -1.87 -18.88 -29.11
CA GLU E 47 -1.81 -17.47 -28.74
C GLU E 47 -1.83 -17.24 -27.24
N ASP E 48 -1.39 -18.24 -26.46
CA ASP E 48 -1.50 -18.18 -25.00
C ASP E 48 -0.11 -18.10 -24.39
N PRO E 49 0.44 -16.90 -24.20
CA PRO E 49 1.78 -16.79 -23.61
C PRO E 49 1.85 -17.35 -22.20
N LEU E 50 0.73 -17.38 -21.50
CA LEU E 50 0.73 -17.86 -20.13
C LEU E 50 0.78 -19.39 -20.08
N LEU E 51 0.22 -20.04 -21.10
CA LEU E 51 0.27 -21.50 -21.20
C LEU E 51 1.62 -21.97 -21.71
N THR E 52 1.97 -21.61 -22.94
CA THR E 52 3.28 -21.93 -23.49
C THR E 52 4.23 -20.78 -23.21
N PRO E 53 5.23 -20.94 -22.35
CA PRO E 53 6.12 -19.83 -22.03
C PRO E 53 6.80 -19.30 -23.27
N VAL E 54 6.93 -17.98 -23.35
CA VAL E 54 7.46 -17.31 -24.53
C VAL E 54 8.96 -17.14 -24.31
N PRO E 55 9.79 -17.28 -25.34
CA PRO E 55 11.24 -17.13 -25.15
C PRO E 55 11.60 -15.74 -24.64
N ALA E 56 12.67 -15.69 -23.84
CA ALA E 56 13.03 -14.48 -23.08
C ALA E 56 13.70 -13.44 -23.97
N SER E 57 13.04 -13.13 -25.07
CA SER E 57 13.46 -12.02 -25.92
C SER E 57 12.33 -11.06 -26.22
N GLU E 58 11.12 -11.56 -26.44
CA GLU E 58 9.94 -10.74 -26.64
C GLU E 58 9.08 -10.67 -25.39
N ASN E 59 9.61 -11.14 -24.26
CA ASN E 59 8.95 -11.02 -22.97
C ASN E 59 9.32 -9.67 -22.38
N PRO E 60 8.39 -8.73 -22.22
CA PRO E 60 8.74 -7.43 -21.64
C PRO E 60 8.88 -7.44 -20.14
N PHE E 61 8.61 -8.57 -19.48
CA PHE E 61 8.76 -8.69 -18.04
C PHE E 61 10.03 -9.47 -17.68
N ARG E 62 11.04 -9.42 -18.53
CA ARG E 62 12.32 -10.05 -18.25
C ARG E 62 12.98 -9.37 -17.05
N GLU E 63 13.79 -10.14 -16.34
CA GLU E 63 14.49 -9.63 -15.16
C GLU E 63 13.52 -9.13 -14.09
C01 VMT F . 37.52 -1.11 27.72
N01 VMT F . 37.39 -7.16 25.61
C02 VMT F . 36.64 -1.76 26.88
C03 VMT F . 36.92 -3.04 26.43
C04 VMT F . 38.09 -3.67 26.83
C05 VMT F . 38.97 -3.02 27.68
C06 VMT F . 38.68 -1.76 28.13
C07 VMT F . 38.40 -5.08 26.33
C08 VMT F . 37.10 -5.84 26.14
BR01 VMT F . 37.12 0.68 28.35
#